data_8W90
#
_entry.id   8W90
#
_cell.length_a   47.082
_cell.length_b   141.978
_cell.length_c   81.662
_cell.angle_alpha   90.000
_cell.angle_beta   97.931
_cell.angle_gamma   90.000
#
_symmetry.space_group_name_H-M   'P 1 21 1'
#
loop_
_entity.id
_entity.type
_entity.pdbx_description
1 polymer NB457
2 polymer 'T-cell surface glycoprotein CD4'
3 water water
#
loop_
_entity_poly.entity_id
_entity_poly.type
_entity_poly.pdbx_seq_one_letter_code
_entity_poly.pdbx_strand_id
1 'polypeptide(L)'
;MGEVQLVESGGGLVQAGGSLRLSCAASGRTISSVAMGWFRQAPEKEREFVAAITWSGDYTNVADSMKGRFTISRDNARKT
VSLQLTNLKPEDTAVYYCAADLRGGSIYGTADYVYWGQGTQVTVSSLEHHHHHH
;
A,C,E
2 'polypeptide(L)'
;KKVVLGKKGDTVELTCTASQKKSIQFHWKNSNQIKILGNQGSFLTKGPSKLNDRADSRRSLWDQGNFPLIIKNLKIEDSD
TYICEVEDQKEEVQLLVFGLTANSDTHLLQGQSLTLTLESPPGSSPSVQCRSPRGKNIQGGKTLSVSQLELQDSGTWTCT
VLQNQKKVEFKIDIVVLA
;
B,D,F
#
# COMPACT_ATOMS: atom_id res chain seq x y z
N GLU A 3 27.26 -30.64 -31.81
CA GLU A 3 27.82 -31.69 -30.98
C GLU A 3 28.58 -31.09 -29.78
N VAL A 4 28.29 -31.62 -28.60
CA VAL A 4 28.89 -31.16 -27.35
C VAL A 4 29.26 -32.41 -26.56
N GLN A 5 30.46 -32.43 -26.00
CA GLN A 5 30.88 -33.51 -25.11
C GLN A 5 30.85 -33.02 -23.67
N LEU A 6 30.32 -33.84 -22.78
CA LEU A 6 30.22 -33.53 -21.35
C LEU A 6 30.92 -34.61 -20.55
N VAL A 7 31.86 -34.21 -19.69
CA VAL A 7 32.68 -35.15 -18.91
C VAL A 7 32.60 -34.70 -17.46
N GLU A 8 31.98 -35.54 -16.61
CA GLU A 8 31.87 -35.23 -15.19
C GLU A 8 33.14 -35.65 -14.45
N SER A 9 33.35 -35.04 -13.28
CA SER A 9 34.42 -35.51 -12.41
C SER A 9 34.11 -35.10 -10.98
N GLY A 10 34.70 -35.83 -10.03
CA GLY A 10 34.60 -35.49 -8.62
C GLY A 10 33.81 -36.47 -7.78
N GLY A 11 33.16 -37.46 -8.37
CA GLY A 11 32.47 -38.46 -7.58
C GLY A 11 33.45 -39.31 -6.80
N GLY A 12 32.90 -40.10 -5.89
CA GLY A 12 33.68 -41.02 -5.10
C GLY A 12 32.93 -41.38 -3.83
N LEU A 13 33.67 -41.93 -2.87
CA LEU A 13 33.12 -42.41 -1.62
C LEU A 13 33.37 -41.35 -0.55
N VAL A 14 32.30 -40.81 0.03
CA VAL A 14 32.41 -39.67 0.92
C VAL A 14 31.63 -39.95 2.20
N GLN A 15 31.77 -39.04 3.17
CA GLN A 15 31.21 -39.23 4.50
C GLN A 15 29.93 -38.43 4.68
N ALA A 16 28.96 -39.03 5.38
CA ALA A 16 27.75 -38.30 5.74
C ALA A 16 28.13 -37.06 6.53
N GLY A 17 27.42 -35.96 6.26
CA GLY A 17 27.73 -34.68 6.86
C GLY A 17 28.76 -33.87 6.10
N GLY A 18 29.43 -34.46 5.12
CA GLY A 18 30.49 -33.79 4.42
C GLY A 18 29.99 -32.97 3.24
N SER A 19 30.96 -32.36 2.56
CA SER A 19 30.72 -31.56 1.37
C SER A 19 31.52 -32.13 0.21
N LEU A 20 31.00 -31.92 -1.00
CA LEU A 20 31.62 -32.45 -2.22
C LEU A 20 31.29 -31.51 -3.36
N ARG A 21 32.29 -31.21 -4.21
CA ARG A 21 32.08 -30.39 -5.39
C ARG A 21 32.28 -31.27 -6.61
N LEU A 22 31.27 -31.35 -7.46
CA LEU A 22 31.33 -32.05 -8.73
C LEU A 22 31.55 -31.04 -9.85
N SER A 23 32.27 -31.45 -10.88
CA SER A 23 32.51 -30.58 -12.01
C SER A 23 32.13 -31.31 -13.30
N CYS A 24 31.86 -30.52 -14.32
CA CYS A 24 31.52 -31.05 -15.64
C CYS A 24 32.23 -30.19 -16.67
N ALA A 25 33.06 -30.81 -17.50
CA ALA A 25 33.79 -30.10 -18.55
C ALA A 25 33.06 -30.33 -19.86
N ALA A 26 32.79 -29.24 -20.58
CA ALA A 26 32.09 -29.28 -21.84
C ALA A 26 33.06 -29.01 -22.97
N SER A 27 32.89 -29.69 -24.10
CA SER A 27 33.77 -29.54 -25.25
C SER A 27 33.04 -29.87 -26.54
N ILE A 31 28.56 -25.11 -24.19
CA ILE A 31 29.08 -23.87 -24.74
C ILE A 31 28.49 -22.69 -23.97
N SER A 32 29.08 -21.51 -24.16
CA SER A 32 28.72 -20.34 -23.36
C SER A 32 27.36 -19.76 -23.71
N SER A 33 26.60 -20.39 -24.62
CA SER A 33 25.29 -19.87 -25.02
C SER A 33 24.11 -20.72 -24.55
N VAL A 34 24.34 -21.81 -23.82
CA VAL A 34 23.24 -22.72 -23.51
C VAL A 34 23.12 -22.94 -22.01
N ALA A 35 21.90 -23.26 -21.58
CA ALA A 35 21.66 -23.69 -20.21
C ALA A 35 22.35 -25.02 -19.93
N MET A 36 22.74 -25.20 -18.66
CA MET A 36 23.30 -26.46 -18.20
C MET A 36 22.63 -26.89 -16.90
N GLY A 37 22.67 -28.20 -16.63
CA GLY A 37 21.97 -28.73 -15.47
C GLY A 37 22.65 -29.96 -14.90
N TRP A 38 22.26 -30.30 -13.67
CA TRP A 38 22.66 -31.51 -13.00
C TRP A 38 21.43 -32.33 -12.63
N PHE A 39 21.56 -33.64 -12.76
CA PHE A 39 20.54 -34.63 -12.44
C PHE A 39 21.20 -35.74 -11.64
N ARG A 40 20.39 -36.59 -11.00
CA ARG A 40 20.96 -37.73 -10.30
C ARG A 40 20.01 -38.92 -10.38
N GLN A 41 20.59 -40.12 -10.34
CA GLN A 41 19.75 -41.31 -10.38
C GLN A 41 20.35 -42.38 -9.47
N ALA A 42 19.56 -42.85 -8.55
CA ALA A 42 19.93 -43.98 -7.72
C ALA A 42 19.43 -45.29 -8.34
N PRO A 43 19.96 -46.44 -7.89
CA PRO A 43 19.53 -47.72 -8.48
C PRO A 43 18.03 -47.94 -8.32
N GLU A 44 17.43 -48.41 -9.41
CA GLU A 44 15.99 -48.75 -9.47
C GLU A 44 15.13 -47.59 -8.97
N LYS A 45 15.50 -46.37 -9.34
CA LYS A 45 14.71 -45.19 -9.05
C LYS A 45 14.76 -44.26 -10.25
N GLU A 46 13.78 -43.37 -10.33
CA GLU A 46 13.73 -42.44 -11.47
C GLU A 46 14.85 -41.41 -11.38
N ARG A 47 15.29 -40.94 -12.56
CA ARG A 47 16.22 -39.82 -12.60
C ARG A 47 15.54 -38.56 -12.08
N GLU A 48 16.28 -37.78 -11.29
CA GLU A 48 15.74 -36.67 -10.52
C GLU A 48 16.46 -35.38 -10.90
N PHE A 49 15.69 -34.31 -11.15
CA PHE A 49 16.28 -33.00 -11.38
C PHE A 49 16.96 -32.49 -10.11
N VAL A 50 18.18 -32.00 -10.22
CA VAL A 50 18.91 -31.42 -9.08
C VAL A 50 19.05 -29.90 -9.22
N ALA A 51 19.60 -29.42 -10.34
CA ALA A 51 19.84 -27.98 -10.44
C ALA A 51 20.07 -27.59 -11.90
N ALA A 52 19.82 -26.32 -12.21
CA ALA A 52 20.03 -25.75 -13.54
C ALA A 52 20.56 -24.34 -13.40
N ILE A 53 21.23 -23.86 -14.46
CA ILE A 53 21.79 -22.51 -14.48
C ILE A 53 21.69 -21.96 -15.90
N THR A 54 21.34 -20.68 -16.03
CA THR A 54 21.21 -20.08 -17.36
C THR A 54 22.58 -19.90 -18.01
N TRP A 55 22.55 -19.60 -19.30
CA TRP A 55 23.78 -19.46 -20.07
C TRP A 55 24.75 -18.45 -19.47
N SER A 56 24.22 -17.37 -18.90
CA SER A 56 25.08 -16.32 -18.35
C SER A 56 25.47 -16.56 -16.90
N GLY A 57 24.84 -17.53 -16.23
CA GLY A 57 25.05 -17.73 -14.82
C GLY A 57 24.24 -16.83 -13.92
N ASP A 58 23.42 -15.94 -14.48
CA ASP A 58 22.72 -14.95 -13.66
C ASP A 58 21.54 -15.54 -12.90
N TYR A 59 20.94 -16.62 -13.39
CA TYR A 59 19.83 -17.27 -12.70
C TYR A 59 20.11 -18.75 -12.52
N THR A 60 19.69 -19.28 -11.37
CA THR A 60 19.81 -20.71 -11.09
C THR A 60 18.47 -21.25 -10.62
N ASN A 61 18.34 -22.57 -10.71
CA ASN A 61 17.12 -23.24 -10.28
C ASN A 61 17.61 -24.50 -9.57
N VAL A 62 17.62 -24.50 -8.24
CA VAL A 62 17.94 -25.71 -7.48
C VAL A 62 16.63 -26.31 -7.00
N ALA A 63 16.51 -27.64 -7.11
CA ALA A 63 15.28 -28.32 -6.68
C ALA A 63 14.91 -27.89 -5.26
N ASP A 64 13.60 -27.64 -5.06
CA ASP A 64 13.10 -27.17 -3.77
C ASP A 64 13.60 -28.04 -2.62
N SER A 65 13.59 -29.36 -2.81
CA SER A 65 13.95 -30.24 -1.71
C SER A 65 15.45 -30.20 -1.40
N MET A 66 16.25 -29.56 -2.25
CA MET A 66 17.70 -29.49 -2.09
C MET A 66 18.21 -28.07 -1.93
N LYS A 67 17.34 -27.05 -2.02
CA LYS A 67 17.74 -25.67 -1.84
C LYS A 67 18.40 -25.47 -0.47
N GLY A 68 19.34 -24.54 -0.42
CA GLY A 68 20.06 -24.34 0.83
C GLY A 68 20.96 -25.47 1.28
N ARG A 69 21.01 -26.60 0.56
CA ARG A 69 22.10 -27.56 0.71
C ARG A 69 22.99 -27.63 -0.52
N PHE A 70 22.40 -27.55 -1.71
CA PHE A 70 23.13 -27.69 -2.96
C PHE A 70 23.11 -26.35 -3.69
N THR A 71 24.23 -26.00 -4.33
CA THR A 71 24.27 -24.81 -5.18
C THR A 71 24.92 -25.17 -6.52
N ILE A 72 24.70 -24.34 -7.53
CA ILE A 72 25.23 -24.59 -8.87
C ILE A 72 25.90 -23.32 -9.38
N SER A 73 26.99 -23.48 -10.13
CA SER A 73 27.72 -22.36 -10.69
C SER A 73 28.29 -22.77 -12.04
N ARG A 74 28.78 -21.80 -12.80
CA ARG A 74 29.41 -22.15 -14.07
C ARG A 74 30.53 -21.18 -14.40
N ASP A 75 31.38 -21.59 -15.33
CA ASP A 75 32.56 -20.83 -15.74
C ASP A 75 32.62 -20.93 -17.27
N ASN A 76 32.12 -19.90 -17.95
CA ASN A 76 32.04 -19.98 -19.40
C ASN A 76 33.42 -19.92 -20.04
N ALA A 77 34.39 -19.26 -19.39
CA ALA A 77 35.74 -19.24 -19.93
C ALA A 77 36.35 -20.63 -19.92
N ARG A 78 36.17 -21.38 -18.83
CA ARG A 78 36.67 -22.74 -18.74
C ARG A 78 35.74 -23.77 -19.36
N LYS A 79 34.52 -23.38 -19.71
CA LYS A 79 33.49 -24.27 -20.24
C LYS A 79 33.16 -25.38 -19.22
N THR A 80 32.89 -24.96 -17.99
CA THR A 80 32.54 -25.90 -16.93
C THR A 80 31.24 -25.46 -16.26
N VAL A 81 30.56 -26.43 -15.67
CA VAL A 81 29.50 -26.20 -14.71
C VAL A 81 29.80 -27.04 -13.47
N SER A 82 29.45 -26.52 -12.30
CA SER A 82 29.83 -27.18 -11.06
C SER A 82 28.63 -27.30 -10.13
N LEU A 83 28.63 -28.38 -9.34
CA LEU A 83 27.57 -28.64 -8.38
C LEU A 83 28.21 -28.78 -7.02
N GLN A 84 27.79 -27.95 -6.07
CA GLN A 84 28.31 -28.00 -4.71
C GLN A 84 27.29 -28.71 -3.82
N LEU A 85 27.69 -29.84 -3.24
CA LEU A 85 26.87 -30.57 -2.29
C LEU A 85 27.38 -30.32 -0.88
N THR A 86 26.45 -30.11 0.05
CA THR A 86 26.81 -29.94 1.45
C THR A 86 25.91 -30.81 2.32
N ASN A 87 26.38 -31.07 3.54
CA ASN A 87 25.64 -31.86 4.54
C ASN A 87 25.10 -33.14 3.92
N LEU A 88 26.02 -33.90 3.34
CA LEU A 88 25.62 -35.06 2.54
C LEU A 88 24.94 -36.13 3.40
N LYS A 89 23.94 -36.78 2.81
CA LYS A 89 23.16 -37.82 3.46
C LYS A 89 23.28 -39.12 2.69
N PRO A 90 23.08 -40.27 3.34
CA PRO A 90 23.02 -41.53 2.58
C PRO A 90 22.02 -41.49 1.43
N GLU A 91 20.91 -40.75 1.61
CA GLU A 91 19.91 -40.62 0.57
C GLU A 91 20.42 -39.90 -0.68
N ASP A 92 21.57 -39.22 -0.59
CA ASP A 92 22.18 -38.53 -1.72
C ASP A 92 23.01 -39.46 -2.60
N THR A 93 23.18 -40.72 -2.20
CA THR A 93 23.95 -41.66 -3.02
C THR A 93 23.26 -41.83 -4.37
N ALA A 94 24.00 -41.57 -5.46
CA ALA A 94 23.43 -41.65 -6.81
C ALA A 94 24.55 -41.43 -7.81
N VAL A 95 24.27 -41.76 -9.07
CA VAL A 95 25.06 -41.23 -10.16
C VAL A 95 24.57 -39.82 -10.47
N TYR A 96 25.49 -38.86 -10.56
CA TYR A 96 25.18 -37.47 -10.87
C TYR A 96 25.58 -37.17 -12.31
N TYR A 97 24.63 -36.65 -13.09
CA TYR A 97 24.78 -36.45 -14.53
C TYR A 97 24.77 -34.96 -14.86
N CYS A 98 25.71 -34.54 -15.70
CA CYS A 98 25.72 -33.20 -16.29
C CYS A 98 24.86 -33.19 -17.56
N ALA A 99 24.19 -32.08 -17.82
CA ALA A 99 23.39 -31.97 -19.03
C ALA A 99 23.47 -30.54 -19.57
N ALA A 100 23.23 -30.40 -20.88
CA ALA A 100 23.35 -29.10 -21.52
C ALA A 100 22.37 -28.96 -22.68
N ASP A 101 21.97 -27.72 -22.94
CA ASP A 101 21.17 -27.27 -24.09
C ASP A 101 19.68 -27.51 -23.88
N LEU A 102 18.92 -26.46 -23.62
CA LEU A 102 17.47 -26.55 -23.55
C LEU A 102 16.80 -26.01 -24.79
N ARG A 103 17.57 -25.78 -25.86
CA ARG A 103 17.05 -25.15 -27.07
C ARG A 103 16.39 -23.80 -26.78
N GLY A 104 16.93 -23.06 -25.80
CA GLY A 104 16.39 -21.76 -25.45
C GLY A 104 15.29 -21.77 -24.41
N GLY A 105 14.92 -22.94 -23.90
CA GLY A 105 13.84 -23.02 -22.93
C GLY A 105 14.21 -22.47 -21.57
N SER A 106 13.19 -22.26 -20.75
CA SER A 106 13.42 -21.72 -19.41
C SER A 106 13.97 -22.81 -18.48
N ILE A 107 15.04 -22.48 -17.73
CA ILE A 107 15.56 -23.44 -16.76
C ILE A 107 14.58 -23.73 -15.63
N TYR A 108 13.55 -22.91 -15.47
CA TYR A 108 12.47 -23.12 -14.52
C TYR A 108 11.29 -23.85 -15.11
N GLY A 109 11.27 -24.08 -16.41
CA GLY A 109 10.07 -24.56 -17.06
C GLY A 109 10.23 -25.90 -17.73
N THR A 110 11.47 -26.28 -18.09
CA THR A 110 11.69 -27.53 -18.78
C THR A 110 13.03 -28.12 -18.34
N ALA A 111 13.08 -29.45 -18.30
CA ALA A 111 14.30 -30.21 -18.01
C ALA A 111 14.72 -31.08 -19.19
N ASP A 112 14.24 -30.78 -20.40
CA ASP A 112 14.45 -31.66 -21.55
C ASP A 112 15.76 -31.30 -22.27
N TYR A 113 16.88 -31.55 -21.58
CA TYR A 113 18.19 -31.21 -22.11
C TYR A 113 18.57 -32.15 -23.27
N VAL A 114 19.35 -31.61 -24.20
CA VAL A 114 19.73 -32.37 -25.39
C VAL A 114 20.92 -33.27 -25.11
N TYR A 115 21.95 -32.76 -24.45
CA TYR A 115 23.23 -33.46 -24.32
C TYR A 115 23.42 -33.91 -22.88
N TRP A 116 24.01 -35.10 -22.71
CA TRP A 116 24.11 -35.73 -21.40
C TRP A 116 25.49 -36.35 -21.21
N GLY A 117 26.04 -36.21 -20.02
CA GLY A 117 27.27 -36.91 -19.69
C GLY A 117 27.00 -38.33 -19.24
N GLN A 118 28.09 -39.09 -19.04
CA GLN A 118 27.99 -40.47 -18.59
C GLN A 118 27.76 -40.58 -17.10
N GLY A 119 27.97 -39.51 -16.34
CA GLY A 119 27.67 -39.47 -14.92
C GLY A 119 28.87 -39.83 -14.06
N THR A 120 28.85 -39.35 -12.81
CA THR A 120 29.87 -39.66 -11.83
C THR A 120 29.21 -40.15 -10.55
N GLN A 121 29.72 -41.26 -10.02
CA GLN A 121 29.08 -41.91 -8.89
C GLN A 121 29.45 -41.22 -7.60
N VAL A 122 28.44 -40.90 -6.80
CA VAL A 122 28.63 -40.38 -5.45
C VAL A 122 28.04 -41.40 -4.47
N THR A 123 28.84 -41.87 -3.53
CA THR A 123 28.36 -42.82 -2.52
C THR A 123 28.63 -42.21 -1.15
N VAL A 124 27.58 -42.03 -0.36
CA VAL A 124 27.69 -41.42 0.96
C VAL A 124 27.68 -42.52 2.01
N SER A 125 28.80 -42.65 2.73
CA SER A 125 28.93 -43.65 3.78
C SER A 125 28.27 -43.13 5.04
N SER A 126 27.45 -43.96 5.67
CA SER A 126 26.75 -43.57 6.88
C SER A 126 27.72 -43.26 8.01
N LYS B 1 12.57 -12.98 -5.13
CA LYS B 1 11.57 -12.77 -6.16
C LYS B 1 10.15 -12.89 -5.60
N LYS B 2 9.27 -12.02 -6.07
CA LYS B 2 7.85 -12.27 -5.93
C LYS B 2 7.50 -13.57 -6.67
N VAL B 3 6.66 -14.41 -6.05
CA VAL B 3 6.21 -15.64 -6.71
C VAL B 3 4.74 -15.50 -7.07
N VAL B 4 4.40 -15.87 -8.29
CA VAL B 4 3.03 -15.90 -8.77
C VAL B 4 2.76 -17.27 -9.36
N LEU B 5 1.60 -17.85 -9.03
CA LEU B 5 1.24 -19.17 -9.54
C LEU B 5 0.24 -19.02 -10.69
N GLY B 6 0.39 -19.86 -11.71
CA GLY B 6 -0.53 -19.88 -12.81
C GLY B 6 -1.06 -21.28 -13.05
N LYS B 7 -2.21 -21.34 -13.71
CA LYS B 7 -2.87 -22.60 -14.04
C LYS B 7 -2.68 -22.92 -15.51
N LYS B 8 -2.32 -24.16 -15.82
CA LYS B 8 -2.12 -24.58 -17.20
C LYS B 8 -3.35 -24.26 -18.05
N GLY B 9 -3.11 -23.68 -19.22
CA GLY B 9 -4.17 -23.32 -20.13
C GLY B 9 -4.88 -22.03 -19.81
N ASP B 10 -4.63 -21.44 -18.64
CA ASP B 10 -5.27 -20.22 -18.20
C ASP B 10 -4.42 -19.02 -18.58
N THR B 11 -4.84 -17.84 -18.13
CA THR B 11 -4.08 -16.61 -18.30
C THR B 11 -3.55 -16.17 -16.94
N VAL B 12 -2.36 -15.58 -16.93
CA VAL B 12 -1.79 -15.03 -15.71
C VAL B 12 -1.38 -13.60 -15.99
N GLU B 13 -1.46 -12.75 -14.96
CA GLU B 13 -1.08 -11.34 -15.05
C GLU B 13 -0.01 -11.07 -14.00
N LEU B 14 1.18 -10.67 -14.46
CA LEU B 14 2.29 -10.34 -13.57
C LEU B 14 2.34 -8.82 -13.46
N THR B 15 2.10 -8.28 -12.25
CA THR B 15 2.03 -6.83 -12.12
C THR B 15 3.42 -6.21 -12.00
N CYS B 16 3.50 -4.93 -12.39
CA CYS B 16 4.73 -4.15 -12.28
C CYS B 16 4.31 -2.70 -12.15
N THR B 17 4.77 -2.02 -11.10
CA THR B 17 4.32 -0.67 -10.81
C THR B 17 5.53 0.23 -10.63
N ALA B 18 5.51 1.39 -11.28
CA ALA B 18 6.56 2.37 -11.17
C ALA B 18 6.31 3.29 -9.98
N SER B 19 7.35 4.04 -9.60
CA SER B 19 7.23 4.98 -8.49
C SER B 19 6.29 6.13 -8.84
N GLN B 20 6.28 6.55 -10.11
CA GLN B 20 5.46 7.66 -10.55
C GLN B 20 4.21 7.16 -11.28
N LYS B 21 3.09 7.86 -11.07
CA LYS B 21 1.81 7.51 -11.70
C LYS B 21 1.74 8.13 -13.09
N LYS B 22 2.56 7.57 -13.98
CA LYS B 22 2.65 8.05 -15.36
C LYS B 22 3.32 6.98 -16.20
N SER B 23 3.15 7.09 -17.52
CA SER B 23 3.85 6.19 -18.43
C SER B 23 5.31 6.59 -18.56
N ILE B 24 6.17 5.58 -18.64
CA ILE B 24 7.60 5.76 -18.86
C ILE B 24 8.11 4.50 -19.54
N GLN B 25 9.36 4.54 -20.01
CA GLN B 25 9.92 3.41 -20.73
C GLN B 25 10.06 2.19 -19.82
N PHE B 26 9.62 1.04 -20.31
CA PHE B 26 9.74 -0.20 -19.57
C PHE B 26 9.96 -1.34 -20.54
N HIS B 27 10.46 -2.47 -20.03
CA HIS B 27 10.36 -3.71 -20.77
C HIS B 27 10.32 -4.87 -19.80
N TRP B 28 9.79 -5.99 -20.27
CA TRP B 28 9.89 -7.27 -19.61
C TRP B 28 10.87 -8.16 -20.35
N LYS B 29 11.67 -8.90 -19.58
CA LYS B 29 12.56 -9.92 -20.12
C LYS B 29 12.37 -11.20 -19.32
N ASN B 30 12.84 -12.31 -19.88
CA ASN B 30 12.86 -13.57 -19.15
C ASN B 30 14.25 -13.79 -18.57
N SER B 31 14.44 -14.91 -17.86
CA SER B 31 15.73 -15.12 -17.18
C SER B 31 16.87 -15.32 -18.16
N ASN B 32 16.58 -15.76 -19.39
CA ASN B 32 17.59 -15.86 -20.43
C ASN B 32 17.97 -14.50 -20.99
N GLN B 33 17.34 -13.43 -20.50
CA GLN B 33 17.60 -12.04 -20.88
C GLN B 33 17.01 -11.70 -22.23
N ILE B 34 16.06 -12.47 -22.72
CA ILE B 34 15.38 -12.13 -23.96
C ILE B 34 14.28 -11.13 -23.65
N LYS B 35 14.27 -10.01 -24.37
CA LYS B 35 13.21 -9.04 -24.16
C LYS B 35 11.92 -9.54 -24.78
N ILE B 36 10.82 -9.37 -24.04
CA ILE B 36 9.51 -9.91 -24.43
C ILE B 36 8.64 -8.79 -25.01
N LEU B 37 8.41 -7.75 -24.24
CA LEU B 37 7.65 -6.61 -24.75
C LEU B 37 8.04 -5.34 -24.01
N GLY B 38 7.65 -4.21 -24.58
CA GLY B 38 7.84 -2.92 -23.95
C GLY B 38 6.88 -1.91 -24.55
N ASN B 39 7.22 -0.62 -24.36
CA ASN B 39 6.31 0.45 -24.79
C ASN B 39 6.00 0.36 -26.27
N GLN B 40 6.94 -0.10 -27.07
CA GLN B 40 6.78 -0.11 -28.52
C GLN B 40 6.25 -1.44 -29.03
N GLY B 41 5.75 -2.31 -28.15
CA GLY B 41 5.11 -3.54 -28.56
C GLY B 41 5.95 -4.76 -28.24
N SER B 42 5.53 -5.88 -28.82
CA SER B 42 6.24 -7.15 -28.62
C SER B 42 7.57 -7.13 -29.35
N PHE B 43 8.64 -7.55 -28.65
CA PHE B 43 9.94 -7.73 -29.27
C PHE B 43 10.07 -9.04 -30.03
N LEU B 44 9.08 -9.94 -29.96
CA LEU B 44 9.24 -11.31 -30.44
C LEU B 44 8.95 -11.38 -31.95
N THR B 45 9.75 -10.61 -32.70
CA THR B 45 9.60 -10.48 -34.15
C THR B 45 10.79 -11.05 -34.89
N LYS B 46 11.65 -11.80 -34.22
CA LYS B 46 12.89 -12.25 -34.83
C LYS B 46 12.84 -13.73 -35.20
N GLY B 47 11.72 -14.40 -34.99
CA GLY B 47 11.63 -15.81 -35.25
C GLY B 47 10.76 -16.52 -34.24
N PRO B 48 10.65 -17.84 -34.38
CA PRO B 48 9.82 -18.60 -33.43
C PRO B 48 10.33 -18.45 -32.00
N SER B 49 9.41 -18.21 -31.08
CA SER B 49 9.72 -18.10 -29.66
C SER B 49 8.65 -18.83 -28.88
N LYS B 50 8.97 -19.14 -27.62
CA LYS B 50 8.00 -19.87 -26.79
C LYS B 50 6.74 -19.06 -26.55
N LEU B 51 6.88 -17.74 -26.33
CA LEU B 51 5.76 -16.89 -25.95
C LEU B 51 5.11 -16.18 -27.13
N ASN B 52 5.51 -16.50 -28.36
CA ASN B 52 4.98 -15.82 -29.54
C ASN B 52 3.46 -15.74 -29.52
N ASP B 53 2.95 -14.51 -29.63
CA ASP B 53 1.55 -14.16 -29.71
C ASP B 53 0.77 -14.46 -28.44
N ARG B 54 1.43 -14.91 -27.37
CA ARG B 54 0.71 -15.14 -26.13
C ARG B 54 0.99 -14.11 -25.06
N ALA B 55 1.88 -13.13 -25.29
CA ALA B 55 2.24 -12.18 -24.24
C ALA B 55 1.73 -10.79 -24.61
N ASP B 56 1.18 -10.08 -23.63
CA ASP B 56 0.61 -8.77 -23.88
C ASP B 56 0.75 -7.92 -22.62
N SER B 57 0.43 -6.64 -22.74
CA SER B 57 0.30 -5.79 -21.56
C SER B 57 -1.07 -5.10 -21.61
N ARG B 58 -1.31 -4.13 -20.73
CA ARG B 58 -2.53 -3.34 -20.73
C ARG B 58 -2.09 -1.91 -20.99
N ARG B 59 -2.00 -1.55 -22.27
CA ARG B 59 -1.49 -0.23 -22.65
C ARG B 59 -2.26 0.89 -21.96
N SER B 60 -3.57 0.73 -21.75
CA SER B 60 -4.39 1.75 -21.12
C SER B 60 -4.00 2.02 -19.66
N LEU B 61 -3.25 1.13 -19.02
CA LEU B 61 -2.83 1.33 -17.63
C LEU B 61 -1.45 1.96 -17.51
N TRP B 62 -0.67 2.01 -18.60
CA TRP B 62 0.67 2.56 -18.50
C TRP B 62 0.68 3.99 -17.96
N ASP B 63 -0.34 4.80 -18.29
CA ASP B 63 -0.28 6.17 -17.79
C ASP B 63 -0.65 6.26 -16.30
N GLN B 64 -1.01 5.14 -15.68
CA GLN B 64 -1.08 5.04 -14.22
C GLN B 64 0.19 4.44 -13.63
N GLY B 65 1.22 4.24 -14.43
CA GLY B 65 2.44 3.65 -13.92
C GLY B 65 2.34 2.16 -13.66
N ASN B 66 1.44 1.48 -14.38
CA ASN B 66 1.26 0.03 -14.23
C ASN B 66 1.58 -0.63 -15.56
N PHE B 67 2.50 -1.59 -15.55
CA PHE B 67 3.07 -2.17 -16.77
C PHE B 67 3.02 -3.70 -16.68
N PRO B 68 1.83 -4.28 -16.69
CA PRO B 68 1.72 -5.72 -16.44
C PRO B 68 2.18 -6.54 -17.63
N LEU B 69 2.59 -7.78 -17.33
CA LEU B 69 2.86 -8.80 -18.34
C LEU B 69 1.77 -9.84 -18.22
N ILE B 70 1.02 -10.04 -19.29
CA ILE B 70 -0.07 -11.00 -19.33
C ILE B 70 0.32 -12.12 -20.28
N ILE B 71 0.22 -13.37 -19.82
CA ILE B 71 0.54 -14.52 -20.66
C ILE B 71 -0.69 -15.41 -20.69
N LYS B 72 -1.17 -15.69 -21.90
CA LYS B 72 -2.37 -16.49 -22.08
C LYS B 72 -2.01 -17.92 -22.47
N ASN B 73 -2.99 -18.82 -22.32
CA ASN B 73 -2.86 -20.24 -22.70
C ASN B 73 -1.59 -20.86 -22.11
N LEU B 74 -1.47 -20.74 -20.79
CA LEU B 74 -0.22 -21.07 -20.11
C LEU B 74 0.21 -22.52 -20.34
N LYS B 75 1.52 -22.70 -20.51
CA LYS B 75 2.17 -24.01 -20.55
C LYS B 75 3.03 -24.16 -19.30
N ILE B 76 3.26 -25.41 -18.86
CA ILE B 76 4.16 -25.61 -17.74
C ILE B 76 5.51 -24.94 -18.03
N GLU B 77 5.96 -25.04 -19.27
CA GLU B 77 7.28 -24.51 -19.61
C GLU B 77 7.32 -22.98 -19.65
N ASP B 78 6.19 -22.27 -19.51
CA ASP B 78 6.25 -20.82 -19.32
C ASP B 78 6.79 -20.43 -17.95
N SER B 79 6.87 -21.38 -17.00
CA SER B 79 7.42 -21.10 -15.68
C SER B 79 8.83 -20.54 -15.84
N ASP B 80 9.10 -19.44 -15.18
CA ASP B 80 10.33 -18.69 -15.44
C ASP B 80 10.38 -17.50 -14.49
N THR B 81 11.56 -16.91 -14.35
CA THR B 81 11.68 -15.60 -13.74
C THR B 81 11.52 -14.55 -14.83
N TYR B 82 10.56 -13.66 -14.63
CA TYR B 82 10.32 -12.54 -15.54
C TYR B 82 10.73 -11.28 -14.84
N ILE B 83 11.41 -10.38 -15.56
CA ILE B 83 12.01 -9.21 -14.95
C ILE B 83 11.41 -8.00 -15.65
N CYS B 84 10.78 -7.13 -14.86
CA CYS B 84 10.25 -5.86 -15.36
C CYS B 84 11.25 -4.76 -15.01
N GLU B 85 11.73 -4.05 -16.03
CA GLU B 85 12.64 -2.94 -15.84
C GLU B 85 11.92 -1.66 -16.22
N VAL B 86 11.80 -0.73 -15.27
CA VAL B 86 11.23 0.58 -15.50
C VAL B 86 12.25 1.60 -15.01
N GLU B 87 12.70 2.47 -15.91
CA GLU B 87 13.80 3.38 -15.63
C GLU B 87 14.99 2.63 -15.03
N ASP B 88 15.30 2.91 -13.77
CA ASP B 88 16.48 2.33 -13.12
C ASP B 88 16.15 1.15 -12.22
N GLN B 89 14.87 0.81 -12.08
CA GLN B 89 14.44 -0.21 -11.13
C GLN B 89 14.10 -1.49 -11.88
N LYS B 90 14.38 -2.63 -11.25
CA LYS B 90 13.99 -3.92 -11.80
C LYS B 90 13.26 -4.71 -10.73
N GLU B 91 12.16 -5.32 -11.13
CA GLU B 91 11.37 -6.21 -10.29
C GLU B 91 11.33 -7.60 -10.91
N GLU B 92 11.69 -8.61 -10.13
CA GLU B 92 11.76 -9.99 -10.60
C GLU B 92 10.53 -10.74 -10.09
N VAL B 93 9.89 -11.48 -10.98
CA VAL B 93 8.72 -12.28 -10.64
C VAL B 93 8.98 -13.71 -11.08
N GLN B 94 8.84 -14.66 -10.15
CA GLN B 94 8.96 -16.08 -10.50
C GLN B 94 7.55 -16.62 -10.74
N LEU B 95 7.24 -16.94 -12.00
CA LEU B 95 5.99 -17.58 -12.37
C LEU B 95 6.16 -19.10 -12.29
N LEU B 96 5.25 -19.77 -11.60
CA LEU B 96 5.23 -21.24 -11.55
C LEU B 96 3.87 -21.71 -12.01
N VAL B 97 3.82 -22.48 -13.11
CA VAL B 97 2.57 -22.94 -13.71
C VAL B 97 2.35 -24.40 -13.34
N PHE B 98 1.12 -24.72 -12.95
CA PHE B 98 0.74 -26.07 -12.57
C PHE B 98 -0.50 -26.51 -13.34
N GLY B 99 -0.66 -27.82 -13.49
CA GLY B 99 -1.85 -28.38 -14.09
C GLY B 99 -2.27 -29.60 -13.30
N LEU B 100 -3.59 -29.84 -13.25
CA LEU B 100 -4.13 -30.94 -12.45
C LEU B 100 -4.83 -31.94 -13.35
N THR B 101 -4.52 -33.22 -13.19
CA THR B 101 -5.19 -34.25 -13.97
C THR B 101 -5.47 -35.46 -13.10
N ALA B 102 -6.42 -36.26 -13.56
CA ALA B 102 -6.70 -37.55 -12.97
C ALA B 102 -6.21 -38.64 -13.92
N ASN B 103 -5.99 -39.84 -13.39
CA ASN B 103 -5.53 -40.94 -14.23
C ASN B 103 -6.68 -41.67 -14.91
N SER B 104 -7.62 -40.92 -15.47
CA SER B 104 -8.70 -41.50 -16.25
C SER B 104 -9.26 -40.40 -17.14
N ASP B 105 -9.50 -40.74 -18.41
CA ASP B 105 -10.08 -39.79 -19.35
C ASP B 105 -11.60 -39.83 -19.36
N THR B 106 -12.19 -41.00 -19.16
CA THR B 106 -13.63 -41.17 -19.27
C THR B 106 -14.28 -41.32 -17.90
N HIS B 107 -14.10 -42.45 -17.23
CA HIS B 107 -14.86 -42.75 -16.03
C HIS B 107 -14.17 -43.85 -15.25
N LEU B 108 -14.49 -43.90 -13.96
CA LEU B 108 -14.02 -44.93 -13.04
C LEU B 108 -15.20 -45.70 -12.46
N LEU B 109 -14.93 -46.90 -11.97
CA LEU B 109 -15.94 -47.73 -11.35
C LEU B 109 -15.81 -47.65 -9.84
N GLN B 110 -16.94 -47.83 -9.15
CA GLN B 110 -16.91 -47.94 -7.70
C GLN B 110 -15.87 -48.97 -7.27
N GLY B 111 -15.09 -48.61 -6.25
CA GLY B 111 -14.02 -49.45 -5.76
C GLY B 111 -12.66 -49.24 -6.41
N GLN B 112 -12.61 -48.54 -7.53
CA GLN B 112 -11.32 -48.32 -8.17
C GLN B 112 -10.57 -47.18 -7.49
N SER B 113 -9.26 -47.20 -7.70
CA SER B 113 -8.35 -46.20 -7.17
C SER B 113 -8.33 -44.95 -8.07
N LEU B 114 -7.97 -43.82 -7.48
CA LEU B 114 -7.79 -42.56 -8.22
C LEU B 114 -6.43 -41.99 -7.90
N THR B 115 -5.68 -41.56 -8.92
CA THR B 115 -4.43 -40.83 -8.74
C THR B 115 -4.61 -39.44 -9.30
N LEU B 116 -4.50 -38.42 -8.44
CA LEU B 116 -4.51 -37.02 -8.86
C LEU B 116 -3.06 -36.56 -8.94
N THR B 117 -2.70 -35.95 -10.06
CA THR B 117 -1.32 -35.61 -10.33
C THR B 117 -1.25 -34.14 -10.71
N LEU B 118 -0.40 -33.40 -10.01
CA LEU B 118 -0.16 -32.00 -10.31
C LEU B 118 1.06 -31.92 -11.20
N GLU B 119 0.84 -31.65 -12.50
CA GLU B 119 1.94 -31.39 -13.40
C GLU B 119 2.65 -30.12 -12.98
N SER B 120 3.97 -30.19 -12.81
CA SER B 120 4.70 -29.19 -12.04
C SER B 120 5.99 -28.82 -12.76
N PRO B 121 6.46 -27.59 -12.59
CA PRO B 121 7.75 -27.21 -13.18
C PRO B 121 8.90 -27.95 -12.52
N PRO B 122 10.03 -28.10 -13.22
CA PRO B 122 11.14 -28.88 -12.66
C PRO B 122 11.68 -28.30 -11.36
N GLY B 123 11.86 -29.18 -10.38
CA GLY B 123 12.40 -28.79 -9.09
C GLY B 123 11.40 -28.20 -8.13
N SER B 124 10.13 -28.04 -8.51
CA SER B 124 9.15 -27.53 -7.56
C SER B 124 8.65 -28.68 -6.68
N SER B 125 8.31 -28.35 -5.43
CA SER B 125 7.71 -29.32 -4.50
C SER B 125 6.46 -28.72 -3.86
N PRO B 126 5.38 -28.61 -4.62
CA PRO B 126 4.14 -28.07 -4.07
C PRO B 126 3.53 -29.02 -3.07
N SER B 127 2.67 -28.47 -2.23
CA SER B 127 1.77 -29.27 -1.42
C SER B 127 0.36 -29.11 -1.94
N VAL B 128 -0.43 -30.17 -1.88
CA VAL B 128 -1.77 -30.17 -2.47
C VAL B 128 -2.77 -30.63 -1.43
N GLN B 129 -3.91 -29.96 -1.38
CA GLN B 129 -5.04 -30.34 -0.55
C GLN B 129 -6.26 -30.44 -1.45
N CYS B 130 -6.95 -31.57 -1.40
CA CYS B 130 -8.16 -31.76 -2.19
C CYS B 130 -9.34 -32.05 -1.29
N ARG B 131 -10.52 -31.60 -1.72
CA ARG B 131 -11.78 -31.86 -1.05
C ARG B 131 -12.69 -32.62 -2.02
N SER B 132 -13.21 -33.76 -1.57
CA SER B 132 -14.07 -34.58 -2.39
C SER B 132 -15.49 -34.00 -2.38
N PRO B 133 -16.35 -34.47 -3.29
CA PRO B 133 -17.76 -34.05 -3.24
C PRO B 133 -18.45 -34.40 -1.93
N ARG B 134 -17.99 -35.43 -1.23
CA ARG B 134 -18.51 -35.75 0.10
C ARG B 134 -18.06 -34.76 1.17
N GLY B 135 -17.09 -33.90 0.88
CA GLY B 135 -16.55 -32.99 1.87
C GLY B 135 -15.35 -33.50 2.64
N LYS B 136 -14.76 -34.62 2.23
CA LYS B 136 -13.58 -35.15 2.91
C LYS B 136 -12.32 -34.51 2.34
N ASN B 137 -11.42 -34.08 3.22
CA ASN B 137 -10.18 -33.43 2.81
C ASN B 137 -9.01 -34.40 2.88
N ILE B 138 -8.18 -34.37 1.84
CA ILE B 138 -6.96 -35.16 1.76
C ILE B 138 -5.81 -34.24 1.35
N GLN B 139 -4.59 -34.61 1.72
CA GLN B 139 -3.46 -33.73 1.44
C GLN B 139 -2.21 -34.56 1.14
N GLY B 140 -1.30 -33.96 0.39
CA GLY B 140 -0.02 -34.60 0.16
C GLY B 140 0.87 -33.75 -0.73
N GLY B 141 1.72 -34.38 -1.53
CA GLY B 141 2.61 -33.66 -2.43
C GLY B 141 2.04 -33.50 -3.82
N LYS B 142 2.87 -33.69 -4.84
CA LYS B 142 2.43 -33.52 -6.23
C LYS B 142 1.47 -34.60 -6.67
N THR B 143 1.44 -35.74 -5.97
CA THR B 143 0.58 -36.85 -6.38
C THR B 143 -0.18 -37.35 -5.16
N LEU B 144 -1.50 -37.41 -5.29
CA LEU B 144 -2.37 -37.94 -4.25
C LEU B 144 -3.02 -39.22 -4.76
N SER B 145 -2.99 -40.26 -3.95
CA SER B 145 -3.62 -41.54 -4.29
C SER B 145 -4.81 -41.78 -3.37
N VAL B 146 -5.98 -42.04 -3.95
CA VAL B 146 -7.18 -42.41 -3.22
C VAL B 146 -7.43 -43.91 -3.43
N SER B 147 -7.56 -44.67 -2.34
CA SER B 147 -7.54 -46.13 -2.44
C SER B 147 -8.76 -46.68 -3.17
N GLN B 148 -9.95 -46.15 -2.88
CA GLN B 148 -11.14 -46.67 -3.54
C GLN B 148 -12.21 -45.58 -3.57
N LEU B 149 -12.81 -45.41 -4.76
CA LEU B 149 -13.86 -44.42 -4.95
C LEU B 149 -15.24 -45.01 -4.64
N GLU B 150 -16.11 -44.18 -4.07
CA GLU B 150 -17.50 -44.52 -3.83
C GLU B 150 -18.37 -43.75 -4.81
N LEU B 151 -19.62 -44.22 -4.98
CA LEU B 151 -20.55 -43.49 -5.83
C LEU B 151 -20.68 -42.04 -5.40
N GLN B 152 -20.60 -41.77 -4.10
CA GLN B 152 -20.70 -40.41 -3.60
C GLN B 152 -19.47 -39.55 -3.93
N ASP B 153 -18.40 -40.15 -4.46
CA ASP B 153 -17.25 -39.39 -4.91
C ASP B 153 -17.44 -38.84 -6.32
N SER B 154 -18.53 -39.20 -6.98
CA SER B 154 -18.81 -38.70 -8.31
C SER B 154 -19.21 -37.23 -8.21
N GLY B 155 -18.48 -36.37 -8.90
CA GLY B 155 -18.81 -34.96 -8.91
C GLY B 155 -17.54 -34.13 -8.97
N THR B 156 -17.66 -32.88 -8.54
CA THR B 156 -16.56 -31.92 -8.65
C THR B 156 -15.66 -32.01 -7.42
N TRP B 157 -14.38 -32.33 -7.64
CA TRP B 157 -13.36 -32.22 -6.62
C TRP B 157 -12.69 -30.85 -6.71
N THR B 158 -12.32 -30.30 -5.56
CA THR B 158 -11.66 -29.00 -5.46
C THR B 158 -10.29 -29.21 -4.83
N CYS B 159 -9.23 -28.77 -5.51
CA CYS B 159 -7.87 -28.96 -5.03
C CYS B 159 -7.12 -27.64 -4.99
N THR B 160 -6.41 -27.39 -3.90
CA THR B 160 -5.63 -26.17 -3.70
C THR B 160 -4.16 -26.52 -3.69
N VAL B 161 -3.37 -25.81 -4.50
CA VAL B 161 -1.92 -25.98 -4.53
C VAL B 161 -1.30 -24.89 -3.69
N LEU B 162 -0.35 -25.27 -2.83
CA LEU B 162 0.40 -24.33 -2.01
C LEU B 162 1.86 -24.40 -2.44
N GLN B 163 2.41 -23.26 -2.84
CA GLN B 163 3.80 -23.20 -3.27
C GLN B 163 4.33 -21.82 -2.94
N ASN B 164 5.44 -21.78 -2.20
CA ASN B 164 6.06 -20.50 -1.79
C ASN B 164 5.03 -19.56 -1.15
N GLN B 165 4.19 -20.13 -0.29
CA GLN B 165 3.17 -19.42 0.49
C GLN B 165 2.05 -18.85 -0.37
N LYS B 166 1.99 -19.17 -1.65
CA LYS B 166 0.93 -18.74 -2.53
C LYS B 166 0.01 -19.93 -2.83
N LYS B 167 -1.26 -19.66 -3.10
CA LYS B 167 -2.22 -20.73 -3.35
C LYS B 167 -2.91 -20.52 -4.68
N VAL B 168 -3.24 -21.62 -5.34
CA VAL B 168 -4.10 -21.59 -6.53
C VAL B 168 -5.03 -22.81 -6.48
N GLU B 169 -6.24 -22.65 -7.02
CA GLU B 169 -7.30 -23.64 -6.88
C GLU B 169 -7.70 -24.21 -8.24
N PHE B 170 -7.86 -25.53 -8.29
CA PHE B 170 -8.32 -26.27 -9.45
C PHE B 170 -9.63 -26.96 -9.12
N LYS B 171 -10.48 -27.13 -10.12
CA LYS B 171 -11.65 -28.00 -9.97
C LYS B 171 -11.59 -29.06 -11.05
N ILE B 172 -11.95 -30.30 -10.69
CA ILE B 172 -11.91 -31.39 -11.64
C ILE B 172 -13.12 -32.29 -11.40
N ASP B 173 -13.76 -32.70 -12.48
CA ASP B 173 -14.96 -33.53 -12.40
C ASP B 173 -14.54 -34.98 -12.49
N ILE B 174 -14.93 -35.77 -11.48
CA ILE B 174 -14.68 -37.20 -11.44
C ILE B 174 -16.02 -37.89 -11.53
N VAL B 175 -16.17 -38.80 -12.48
CA VAL B 175 -17.40 -39.57 -12.61
C VAL B 175 -17.10 -41.00 -12.16
N VAL B 176 -17.90 -41.49 -11.23
CA VAL B 176 -17.81 -42.86 -10.74
C VAL B 176 -19.10 -43.55 -11.14
N LEU B 177 -18.97 -44.64 -11.89
CA LEU B 177 -20.13 -45.40 -12.36
C LEU B 177 -20.37 -46.59 -11.44
N ALA B 178 -21.62 -47.01 -11.37
CA ALA B 178 -21.98 -48.21 -10.62
C ALA B 178 -22.12 -49.37 -11.59
N MET C 1 -44.90 27.64 3.00
CA MET C 1 -44.54 26.62 3.99
C MET C 1 -43.51 25.64 3.41
N GLY C 2 -42.42 25.42 4.15
CA GLY C 2 -41.51 24.32 3.84
C GLY C 2 -40.65 24.47 2.61
N GLU C 3 -40.54 25.66 2.04
CA GLU C 3 -39.70 25.85 0.86
C GLU C 3 -38.21 25.83 1.23
N VAL C 4 -37.39 25.32 0.32
CA VAL C 4 -35.94 25.49 0.38
C VAL C 4 -35.61 26.87 -0.15
N GLN C 5 -34.91 27.67 0.63
CA GLN C 5 -34.51 29.01 0.22
C GLN C 5 -33.00 29.09 0.27
N LEU C 6 -32.40 29.62 -0.80
CA LEU C 6 -30.96 29.83 -0.87
C LEU C 6 -30.75 31.28 -1.20
N VAL C 7 -30.05 32.01 -0.32
CA VAL C 7 -29.92 33.46 -0.45
C VAL C 7 -28.44 33.79 -0.51
N GLU C 8 -27.97 34.24 -1.68
CA GLU C 8 -26.59 34.63 -1.89
C GLU C 8 -26.36 36.05 -1.38
N SER C 9 -25.15 36.32 -0.90
CA SER C 9 -24.78 37.67 -0.51
C SER C 9 -23.31 37.87 -0.80
N GLY C 10 -22.89 39.13 -0.82
CA GLY C 10 -21.50 39.49 -0.98
C GLY C 10 -21.14 40.05 -2.34
N GLY C 11 -22.05 40.03 -3.30
CA GLY C 11 -21.72 40.54 -4.63
C GLY C 11 -21.47 42.04 -4.62
N GLY C 12 -20.79 42.49 -5.66
CA GLY C 12 -20.55 43.92 -5.79
C GLY C 12 -19.47 44.18 -6.82
N LEU C 13 -19.04 45.44 -6.85
CA LEU C 13 -18.03 45.93 -7.76
C LEU C 13 -16.64 45.66 -7.19
N VAL C 14 -15.76 45.10 -8.00
CA VAL C 14 -14.40 44.78 -7.57
C VAL C 14 -13.41 45.17 -8.66
N GLN C 15 -12.25 45.69 -8.24
CA GLN C 15 -11.18 46.00 -9.17
C GLN C 15 -10.57 44.71 -9.72
N ALA C 16 -10.27 44.70 -11.01
CA ALA C 16 -9.60 43.55 -11.62
C ALA C 16 -8.32 43.20 -10.86
N GLY C 17 -8.11 41.89 -10.67
CA GLY C 17 -7.06 41.39 -9.80
C GLY C 17 -7.45 41.27 -8.35
N GLY C 18 -8.64 41.72 -7.96
CA GLY C 18 -9.06 41.73 -6.58
C GLY C 18 -9.80 40.46 -6.20
N SER C 19 -10.37 40.50 -4.99
CA SER C 19 -10.94 39.31 -4.39
C SER C 19 -12.23 39.66 -3.66
N LEU C 20 -13.07 38.66 -3.46
CA LEU C 20 -14.41 38.88 -2.92
C LEU C 20 -14.89 37.54 -2.38
N ARG C 21 -15.56 37.56 -1.24
CA ARG C 21 -16.13 36.34 -0.66
C ARG C 21 -17.65 36.41 -0.81
N LEU C 22 -18.23 35.39 -1.46
CA LEU C 22 -19.67 35.25 -1.54
C LEU C 22 -20.13 34.20 -0.54
N SER C 23 -21.35 34.36 -0.05
CA SER C 23 -21.91 33.40 0.87
C SER C 23 -23.34 33.09 0.47
N CYS C 24 -23.76 31.87 0.78
CA CYS C 24 -25.12 31.46 0.50
C CYS C 24 -25.68 30.88 1.78
N ALA C 25 -26.82 31.43 2.23
CA ALA C 25 -27.49 30.99 3.43
C ALA C 25 -28.65 30.09 3.03
N ALA C 26 -28.68 28.88 3.57
CA ALA C 26 -29.70 27.90 3.25
C ALA C 26 -30.76 27.85 4.35
N SER C 27 -32.02 27.70 3.94
CA SER C 27 -33.16 27.54 4.83
C SER C 27 -34.01 26.38 4.34
N GLY C 28 -34.42 25.49 5.25
CA GLY C 28 -35.22 24.33 4.89
C GLY C 28 -34.55 23.02 5.25
N ARG C 29 -35.32 21.93 5.27
CA ARG C 29 -34.78 20.63 5.66
C ARG C 29 -34.54 19.72 4.46
N ILE C 31 -31.00 20.06 4.15
CA ILE C 31 -30.28 19.98 5.41
C ILE C 31 -28.77 19.95 5.20
N SER C 32 -28.05 19.33 6.14
CA SER C 32 -26.60 19.21 6.09
C SER C 32 -26.16 17.85 5.55
N SER C 33 -27.01 17.22 4.74
CA SER C 33 -26.67 15.95 4.12
C SER C 33 -26.70 16.02 2.60
N VAL C 34 -26.58 17.21 2.00
CA VAL C 34 -26.61 17.31 0.55
C VAL C 34 -25.39 18.07 0.04
N ALA C 35 -25.00 17.76 -1.20
CA ALA C 35 -23.98 18.57 -1.87
C ALA C 35 -24.54 19.96 -2.16
N MET C 36 -23.62 20.93 -2.26
CA MET C 36 -23.97 22.29 -2.65
C MET C 36 -23.01 22.78 -3.72
N GLY C 37 -23.47 23.73 -4.53
CA GLY C 37 -22.65 24.19 -5.63
C GLY C 37 -22.86 25.65 -5.90
N TRP C 38 -21.94 26.21 -6.70
CA TRP C 38 -22.03 27.57 -7.21
C TRP C 38 -21.94 27.54 -8.73
N PHE C 39 -22.72 28.41 -9.37
CA PHE C 39 -22.77 28.56 -10.81
C PHE C 39 -22.68 30.04 -11.13
N ARG C 40 -22.44 30.38 -12.39
CA ARG C 40 -22.49 31.79 -12.77
C ARG C 40 -23.03 31.92 -14.19
N GLN C 41 -23.58 33.10 -14.48
CA GLN C 41 -24.08 33.34 -15.83
C GLN C 41 -23.92 34.81 -16.17
N ALA C 42 -23.35 35.06 -17.26
CA ALA C 42 -23.18 36.38 -17.86
C ALA C 42 -24.29 36.63 -18.86
N PRO C 43 -24.70 37.89 -19.06
CA PRO C 43 -25.84 38.18 -19.93
C PRO C 43 -25.62 37.62 -21.34
N GLU C 44 -26.64 36.95 -21.86
CA GLU C 44 -26.62 36.36 -23.20
C GLU C 44 -25.57 35.25 -23.35
N LYS C 45 -25.06 34.70 -22.26
CA LYS C 45 -24.16 33.56 -22.31
C LYS C 45 -24.74 32.39 -21.51
N GLU C 46 -24.23 31.20 -21.79
CA GLU C 46 -24.71 30.01 -21.09
C GLU C 46 -24.20 29.98 -19.66
N ARG C 47 -25.04 29.49 -18.77
CA ARG C 47 -24.65 29.30 -17.38
C ARG C 47 -23.41 28.38 -17.32
N GLU C 48 -22.59 28.59 -16.29
CA GLU C 48 -21.30 27.94 -16.13
C GLU C 48 -21.21 27.34 -14.74
N PHE C 49 -20.77 26.08 -14.65
CA PHE C 49 -20.38 25.52 -13.36
C PHE C 49 -19.18 26.28 -12.79
N VAL C 50 -19.23 26.62 -11.51
CA VAL C 50 -18.09 27.24 -10.82
C VAL C 50 -17.45 26.30 -9.81
N ALA C 51 -18.24 25.81 -8.85
CA ALA C 51 -17.64 24.97 -7.80
C ALA C 51 -18.71 24.17 -7.09
N ALA C 52 -18.29 23.08 -6.44
CA ALA C 52 -19.21 22.23 -5.68
C ALA C 52 -18.47 21.60 -4.51
N ILE C 53 -19.23 21.17 -3.51
CA ILE C 53 -18.65 20.64 -2.27
C ILE C 53 -19.55 19.54 -1.75
N THR C 54 -18.95 18.46 -1.27
CA THR C 54 -19.76 17.34 -0.76
C THR C 54 -20.41 17.71 0.56
N TRP C 55 -21.36 16.87 0.97
CA TRP C 55 -22.11 17.07 2.21
C TRP C 55 -21.20 17.32 3.41
N SER C 56 -20.11 16.56 3.53
CA SER C 56 -19.23 16.71 4.68
C SER C 56 -18.19 17.80 4.51
N GLY C 57 -18.04 18.34 3.32
CA GLY C 57 -16.98 19.29 3.04
C GLY C 57 -15.63 18.66 2.79
N ASP C 58 -15.53 17.34 2.78
CA ASP C 58 -14.23 16.70 2.63
C ASP C 58 -13.68 16.79 1.20
N TYR C 59 -14.54 16.93 0.19
CA TYR C 59 -14.11 16.98 -1.20
C TYR C 59 -14.75 18.17 -1.88
N THR C 60 -13.97 18.83 -2.74
CA THR C 60 -14.50 19.94 -3.52
C THR C 60 -14.14 19.76 -4.99
N ASN C 61 -14.87 20.49 -5.83
CA ASN C 61 -14.69 20.47 -7.28
C ASN C 61 -14.76 21.93 -7.72
N VAL C 62 -13.69 22.43 -8.31
CA VAL C 62 -13.69 23.79 -8.87
C VAL C 62 -13.42 23.68 -10.37
N ALA C 63 -14.20 24.42 -11.17
CA ALA C 63 -14.01 24.39 -12.62
C ALA C 63 -12.56 24.61 -13.01
N ASP C 64 -12.13 23.92 -14.08
CA ASP C 64 -10.74 24.00 -14.53
C ASP C 64 -10.27 25.43 -14.75
N SER C 65 -11.11 26.26 -15.37
CA SER C 65 -10.68 27.64 -15.67
C SER C 65 -10.59 28.51 -14.43
N MET C 66 -11.01 28.00 -13.28
CA MET C 66 -11.05 28.74 -12.03
C MET C 66 -10.23 28.10 -10.92
N LYS C 67 -9.63 26.93 -11.17
CA LYS C 67 -8.81 26.27 -10.17
C LYS C 67 -7.64 27.14 -9.75
N GLY C 68 -7.32 27.12 -8.45
CA GLY C 68 -6.23 27.93 -7.92
C GLY C 68 -6.54 29.40 -7.75
N ARG C 69 -7.68 29.88 -8.24
CA ARG C 69 -8.19 31.20 -7.93
C ARG C 69 -9.42 31.18 -7.04
N PHE C 70 -10.36 30.27 -7.32
CA PHE C 70 -11.61 30.20 -6.60
C PHE C 70 -11.60 28.97 -5.70
N THR C 71 -12.12 29.11 -4.49
CA THR C 71 -12.24 27.99 -3.56
C THR C 71 -13.62 28.02 -2.92
N ILE C 72 -14.04 26.87 -2.38
CA ILE C 72 -15.39 26.71 -1.84
C ILE C 72 -15.28 26.04 -0.47
N SER C 73 -16.13 26.47 0.46
CA SER C 73 -16.19 25.85 1.78
C SER C 73 -17.64 25.88 2.24
N ARG C 74 -17.91 25.21 3.36
CA ARG C 74 -19.27 25.20 3.88
C ARG C 74 -19.23 25.13 5.40
N ASP C 75 -20.34 25.54 6.00
CA ASP C 75 -20.53 25.50 7.46
C ASP C 75 -21.88 24.81 7.70
N ASN C 76 -21.85 23.54 8.09
CA ASN C 76 -23.10 22.83 8.25
C ASN C 76 -23.87 23.27 9.48
N ALA C 77 -23.20 23.83 10.49
CA ALA C 77 -23.92 24.36 11.64
C ALA C 77 -24.70 25.62 11.27
N ARG C 78 -24.05 26.54 10.55
CA ARG C 78 -24.71 27.77 10.12
C ARG C 78 -25.55 27.59 8.86
N LYS C 79 -25.47 26.43 8.20
CA LYS C 79 -26.19 26.17 6.95
C LYS C 79 -25.81 27.18 5.87
N THR C 80 -24.51 27.37 5.69
CA THR C 80 -23.99 28.28 4.67
C THR C 80 -22.98 27.55 3.78
N VAL C 81 -22.82 28.06 2.57
CA VAL C 81 -21.74 27.64 1.67
C VAL C 81 -21.09 28.92 1.15
N SER C 82 -19.77 28.92 1.05
CA SER C 82 -19.05 30.15 0.72
C SER C 82 -18.17 29.93 -0.50
N LEU C 83 -18.01 30.99 -1.28
CA LEU C 83 -17.20 30.97 -2.48
C LEU C 83 -16.22 32.12 -2.37
N GLN C 84 -14.92 31.80 -2.34
CA GLN C 84 -13.87 32.81 -2.30
C GLN C 84 -13.35 33.02 -3.71
N LEU C 85 -13.49 34.25 -4.22
CA LEU C 85 -13.03 34.61 -5.55
C LEU C 85 -11.74 35.40 -5.40
N THR C 86 -10.70 35.04 -6.15
CA THR C 86 -9.46 35.82 -6.14
C THR C 86 -8.96 36.01 -7.56
N ASN C 87 -7.99 36.94 -7.69
CA ASN C 87 -7.44 37.37 -8.97
C ASN C 87 -8.53 37.47 -10.04
N LEU C 88 -9.53 38.29 -9.74
CA LEU C 88 -10.71 38.38 -10.60
C LEU C 88 -10.39 39.11 -11.90
N LYS C 89 -10.95 38.62 -12.99
CA LYS C 89 -10.76 39.22 -14.30
C LYS C 89 -12.09 39.78 -14.80
N PRO C 90 -12.05 40.73 -15.75
CA PRO C 90 -13.32 41.24 -16.28
C PRO C 90 -14.24 40.16 -16.81
N GLU C 91 -13.69 39.08 -17.35
CA GLU C 91 -14.51 37.99 -17.85
C GLU C 91 -15.15 37.17 -16.73
N ASP C 92 -14.81 37.43 -15.47
CA ASP C 92 -15.50 36.81 -14.35
C ASP C 92 -16.76 37.56 -13.94
N THR C 93 -17.05 38.68 -14.59
CA THR C 93 -18.28 39.42 -14.33
C THR C 93 -19.49 38.55 -14.67
N ALA C 94 -20.40 38.40 -13.73
CA ALA C 94 -21.55 37.50 -13.89
C ALA C 94 -22.44 37.58 -12.65
N VAL C 95 -23.64 37.05 -12.79
CA VAL C 95 -24.45 36.68 -11.62
C VAL C 95 -24.01 35.31 -11.14
N TYR C 96 -23.70 35.22 -9.85
CA TYR C 96 -23.26 33.96 -9.23
C TYR C 96 -24.42 33.40 -8.41
N TYR C 97 -24.72 32.12 -8.63
CA TYR C 97 -25.89 31.44 -8.07
C TYR C 97 -25.46 30.27 -7.19
N CYS C 98 -26.11 30.15 -6.05
CA CYS C 98 -26.01 29.02 -5.13
C CYS C 98 -26.99 27.92 -5.53
N ALA C 99 -26.60 26.66 -5.29
CA ALA C 99 -27.50 25.54 -5.58
C ALA C 99 -27.29 24.42 -4.58
N ALA C 100 -28.31 23.58 -4.41
CA ALA C 100 -28.26 22.54 -3.38
C ALA C 100 -29.03 21.31 -3.82
N ASP C 101 -28.55 20.15 -3.34
CA ASP C 101 -29.20 18.83 -3.43
C ASP C 101 -28.90 18.20 -4.78
N LEU C 102 -27.99 17.22 -4.78
CA LEU C 102 -27.64 16.46 -5.97
C LEU C 102 -28.27 15.07 -5.94
N ARG C 103 -29.17 14.83 -4.99
CA ARG C 103 -29.79 13.50 -4.81
C ARG C 103 -28.74 12.41 -4.71
N GLY C 104 -27.63 12.72 -4.05
CA GLY C 104 -26.60 11.71 -3.82
C GLY C 104 -25.60 11.55 -4.94
N GLY C 105 -25.71 12.34 -6.01
CA GLY C 105 -24.80 12.18 -7.13
C GLY C 105 -23.42 12.73 -6.83
N SER C 106 -22.46 12.34 -7.67
CA SER C 106 -21.09 12.81 -7.53
C SER C 106 -20.97 14.29 -7.90
N ILE C 107 -20.33 15.09 -7.04
CA ILE C 107 -20.13 16.51 -7.36
C ILE C 107 -19.22 16.72 -8.56
N TYR C 108 -18.52 15.67 -8.98
CA TYR C 108 -17.68 15.68 -10.17
C TYR C 108 -18.40 15.15 -11.41
N GLY C 109 -19.57 14.52 -11.25
CA GLY C 109 -20.15 13.81 -12.35
C GLY C 109 -21.47 14.40 -12.84
N THR C 110 -22.10 15.24 -12.02
CA THR C 110 -23.39 15.82 -12.39
C THR C 110 -23.53 17.19 -11.75
N ALA C 111 -24.22 18.09 -12.46
CA ALA C 111 -24.48 19.42 -11.95
C ALA C 111 -25.98 19.69 -11.89
N ASP C 112 -26.79 18.64 -11.83
CA ASP C 112 -28.24 18.75 -11.90
C ASP C 112 -28.83 18.97 -10.50
N TYR C 113 -28.40 20.06 -9.85
CA TYR C 113 -28.89 20.43 -8.52
C TYR C 113 -30.38 20.74 -8.57
N VAL C 114 -31.09 20.34 -7.50
CA VAL C 114 -32.54 20.55 -7.45
C VAL C 114 -32.87 22.02 -7.19
N TYR C 115 -32.27 22.62 -6.15
CA TYR C 115 -32.72 23.90 -5.64
C TYR C 115 -31.70 24.99 -5.93
N TRP C 116 -32.20 26.19 -6.19
CA TRP C 116 -31.41 27.30 -6.70
C TRP C 116 -31.72 28.60 -5.95
N GLY C 117 -30.70 29.48 -5.88
CA GLY C 117 -30.91 30.83 -5.43
C GLY C 117 -31.15 31.77 -6.60
N GLN C 118 -31.50 33.01 -6.28
CA GLN C 118 -31.74 34.02 -7.30
C GLN C 118 -30.47 34.73 -7.75
N GLY C 119 -29.38 34.58 -7.01
CA GLY C 119 -28.07 35.01 -7.46
C GLY C 119 -27.65 36.36 -6.88
N THR C 120 -26.34 36.62 -6.97
CA THR C 120 -25.76 37.91 -6.58
C THR C 120 -24.77 38.33 -7.65
N GLN C 121 -24.84 39.61 -8.05
CA GLN C 121 -24.03 40.10 -9.16
C GLN C 121 -22.61 40.43 -8.72
N VAL C 122 -21.62 39.91 -9.46
CA VAL C 122 -20.21 40.29 -9.30
C VAL C 122 -19.80 41.07 -10.55
N THR C 123 -19.27 42.27 -10.36
CA THR C 123 -18.89 43.13 -11.47
C THR C 123 -17.43 43.51 -11.33
N VAL C 124 -16.61 43.08 -12.28
CA VAL C 124 -15.15 43.27 -12.22
C VAL C 124 -14.78 44.32 -13.26
N SER C 125 -14.17 45.41 -12.82
CA SER C 125 -13.81 46.49 -13.71
C SER C 125 -12.31 46.74 -13.68
N SER C 126 -11.76 47.16 -14.81
CA SER C 126 -10.35 47.51 -14.89
C SER C 126 -10.10 48.90 -14.30
N LYS D 1 -4.18 14.05 -6.40
CA LYS D 1 -4.97 13.05 -7.11
C LYS D 1 -4.39 12.70 -8.47
N LYS D 2 -4.15 11.41 -8.68
CA LYS D 2 -3.98 10.89 -10.03
C LYS D 2 -5.27 11.10 -10.80
N VAL D 3 -5.17 11.48 -12.07
CA VAL D 3 -6.32 11.62 -12.94
C VAL D 3 -6.34 10.46 -13.94
N VAL D 4 -7.51 9.87 -14.13
CA VAL D 4 -7.72 8.79 -15.09
C VAL D 4 -8.94 9.15 -15.94
N LEU D 5 -8.84 8.99 -17.26
CA LEU D 5 -9.93 9.31 -18.16
C LEU D 5 -10.64 8.04 -18.58
N GLY D 6 -11.97 8.11 -18.68
CA GLY D 6 -12.75 7.02 -19.22
C GLY D 6 -13.66 7.48 -20.35
N LYS D 7 -14.17 6.50 -21.09
CA LYS D 7 -15.09 6.73 -22.20
C LYS D 7 -16.48 6.22 -21.86
N LYS D 8 -17.49 7.02 -22.15
CA LYS D 8 -18.88 6.65 -21.89
C LYS D 8 -19.21 5.32 -22.56
N GLY D 9 -19.81 4.42 -21.79
CA GLY D 9 -20.16 3.10 -22.27
C GLY D 9 -19.05 2.07 -22.18
N ASP D 10 -17.81 2.48 -21.95
CA ASP D 10 -16.68 1.57 -21.87
C ASP D 10 -16.40 1.17 -20.42
N THR D 11 -15.31 0.44 -20.23
CA THR D 11 -14.85 0.02 -18.91
C THR D 11 -13.59 0.80 -18.57
N VAL D 12 -13.40 1.10 -17.29
CA VAL D 12 -12.18 1.75 -16.82
C VAL D 12 -11.62 0.92 -15.66
N GLU D 13 -10.31 0.97 -15.50
CA GLU D 13 -9.62 0.27 -14.41
C GLU D 13 -8.79 1.29 -13.65
N LEU D 14 -9.09 1.46 -12.36
CA LEU D 14 -8.37 2.37 -11.48
C LEU D 14 -7.42 1.56 -10.62
N THR D 15 -6.12 1.78 -10.76
CA THR D 15 -5.21 0.90 -10.07
C THR D 15 -4.99 1.34 -8.62
N CYS D 16 -4.61 0.39 -7.78
CA CYS D 16 -4.25 0.66 -6.40
C CYS D 16 -3.25 -0.40 -5.97
N THR D 17 -2.09 0.04 -5.48
CA THR D 17 -1.02 -0.89 -5.14
C THR D 17 -0.61 -0.69 -3.69
N ALA D 18 -0.50 -1.79 -2.95
CA ALA D 18 0.02 -1.73 -1.59
C ALA D 18 1.53 -1.62 -1.66
N LYS D 22 1.26 -8.58 -1.08
CA LYS D 22 0.33 -9.68 -0.80
C LYS D 22 -1.07 -9.15 -0.48
N SER D 23 -2.02 -10.06 -0.24
CA SER D 23 -3.41 -9.68 -0.04
C SER D 23 -3.65 -9.26 1.41
N ILE D 24 -4.08 -8.01 1.59
CA ILE D 24 -4.44 -7.49 2.92
C ILE D 24 -5.80 -6.80 2.83
N GLN D 25 -6.22 -6.16 3.91
CA GLN D 25 -7.52 -5.50 3.96
C GLN D 25 -7.50 -4.19 3.15
N PHE D 26 -8.51 -4.00 2.30
CA PHE D 26 -8.63 -2.78 1.52
C PHE D 26 -10.11 -2.49 1.26
N HIS D 27 -10.41 -1.24 0.93
CA HIS D 27 -11.70 -0.94 0.31
C HIS D 27 -11.54 0.29 -0.56
N TRP D 28 -12.49 0.44 -1.47
CA TRP D 28 -12.66 1.64 -2.28
C TRP D 28 -13.92 2.35 -1.83
N LYS D 29 -13.87 3.67 -1.79
CA LYS D 29 -15.06 4.47 -1.53
C LYS D 29 -15.04 5.65 -2.51
N ASN D 30 -16.19 6.32 -2.64
CA ASN D 30 -16.28 7.51 -3.48
C ASN D 30 -16.16 8.75 -2.62
N SER D 31 -16.25 9.94 -3.26
CA SER D 31 -16.04 11.16 -2.50
C SER D 31 -17.15 11.39 -1.48
N ASN D 32 -18.35 10.84 -1.70
CA ASN D 32 -19.40 10.94 -0.70
C ASN D 32 -19.19 9.98 0.46
N GLN D 33 -18.06 9.27 0.50
CA GLN D 33 -17.68 8.34 1.55
C GLN D 33 -18.51 7.07 1.53
N ILE D 34 -19.13 6.73 0.41
CA ILE D 34 -19.87 5.48 0.28
C ILE D 34 -18.90 4.38 -0.12
N LYS D 35 -18.84 3.31 0.66
CA LYS D 35 -17.95 2.22 0.30
C LYS D 35 -18.50 1.44 -0.89
N ILE D 36 -17.62 1.08 -1.81
CA ILE D 36 -18.01 0.42 -3.06
C ILE D 36 -17.71 -1.08 -2.99
N LEU D 37 -16.45 -1.44 -2.75
CA LEU D 37 -16.11 -2.84 -2.56
C LEU D 37 -14.85 -2.94 -1.70
N GLY D 38 -14.58 -4.16 -1.25
CA GLY D 38 -13.38 -4.47 -0.52
C GLY D 38 -13.05 -5.95 -0.55
N ASN D 39 -12.22 -6.38 0.40
CA ASN D 39 -11.79 -7.79 0.43
C ASN D 39 -12.97 -8.75 0.50
N GLN D 40 -14.03 -8.37 1.19
CA GLN D 40 -15.16 -9.27 1.39
C GLN D 40 -16.25 -9.09 0.34
N GLY D 41 -15.99 -8.34 -0.72
CA GLY D 41 -16.88 -8.24 -1.86
C GLY D 41 -17.44 -6.85 -2.02
N SER D 42 -18.46 -6.74 -2.88
CA SER D 42 -19.14 -5.47 -3.09
C SER D 42 -20.06 -5.16 -1.93
N PHE D 43 -20.06 -3.89 -1.50
CA PHE D 43 -20.93 -3.46 -0.43
C PHE D 43 -22.34 -3.20 -0.95
N LEU D 44 -23.32 -3.33 -0.06
CA LEU D 44 -24.75 -3.27 -0.39
C LEU D 44 -25.16 -4.45 -1.27
N LYS D 50 -25.42 3.88 -6.62
CA LYS D 50 -25.09 4.71 -7.78
C LYS D 50 -24.40 3.88 -8.87
N LEU D 51 -23.33 3.17 -8.49
CA LEU D 51 -22.64 2.30 -9.44
C LEU D 51 -23.37 1.00 -9.68
N ASN D 52 -24.40 0.69 -8.86
CA ASN D 52 -25.21 -0.52 -8.97
C ASN D 52 -24.28 -1.73 -8.95
N ASP D 53 -24.42 -2.67 -9.88
CA ASP D 53 -23.52 -3.82 -9.94
C ASP D 53 -22.54 -3.69 -11.08
N ARG D 54 -22.02 -2.47 -11.32
CA ARG D 54 -21.06 -2.25 -12.38
C ARG D 54 -19.61 -2.19 -11.89
N ALA D 55 -19.37 -2.37 -10.59
CA ALA D 55 -18.02 -2.27 -10.03
C ALA D 55 -17.48 -3.65 -9.66
N ASP D 56 -16.20 -3.87 -9.95
CA ASP D 56 -15.57 -5.14 -9.60
C ASP D 56 -14.10 -4.89 -9.32
N SER D 57 -13.41 -5.92 -8.84
CA SER D 57 -11.95 -5.88 -8.73
C SER D 57 -11.37 -7.07 -9.50
N ARG D 58 -10.07 -7.31 -9.32
CA ARG D 58 -9.40 -8.49 -9.84
C ARG D 58 -8.89 -9.29 -8.65
N ARG D 59 -9.74 -10.17 -8.11
CA ARG D 59 -9.36 -10.91 -6.91
C ARG D 59 -8.05 -11.68 -7.09
N SER D 60 -7.77 -12.15 -8.32
CA SER D 60 -6.56 -12.93 -8.57
C SER D 60 -5.29 -12.11 -8.42
N LEU D 61 -5.37 -10.77 -8.41
CA LEU D 61 -4.20 -9.92 -8.26
C LEU D 61 -3.96 -9.46 -6.83
N TRP D 62 -4.91 -9.69 -5.91
CA TRP D 62 -4.75 -9.20 -4.55
C TRP D 62 -3.49 -9.74 -3.88
N ASP D 63 -3.12 -10.99 -4.18
CA ASP D 63 -1.93 -11.58 -3.56
C ASP D 63 -0.65 -11.00 -4.12
N GLN D 64 -0.73 -10.19 -5.17
CA GLN D 64 0.38 -9.37 -5.63
C GLN D 64 0.30 -7.95 -5.12
N GLY D 65 -0.59 -7.67 -4.17
CA GLY D 65 -0.73 -6.33 -3.64
C GLY D 65 -1.34 -5.33 -4.60
N ASN D 66 -2.16 -5.78 -5.56
CA ASN D 66 -2.84 -4.91 -6.51
C ASN D 66 -4.34 -5.06 -6.30
N PHE D 67 -5.02 -3.93 -6.11
CA PHE D 67 -6.42 -3.91 -5.68
C PHE D 67 -7.21 -2.95 -6.57
N PRO D 68 -7.33 -3.25 -7.86
CA PRO D 68 -7.97 -2.28 -8.77
C PRO D 68 -9.47 -2.19 -8.55
N LEU D 69 -10.00 -1.04 -8.94
CA LEU D 69 -11.44 -0.80 -9.03
C LEU D 69 -11.78 -0.70 -10.52
N ILE D 70 -12.62 -1.61 -11.00
CA ILE D 70 -13.00 -1.69 -12.40
C ILE D 70 -14.49 -1.31 -12.48
N ILE D 71 -14.82 -0.31 -13.29
CA ILE D 71 -16.21 0.11 -13.47
C ILE D 71 -16.57 -0.09 -14.93
N LYS D 72 -17.67 -0.79 -15.19
CA LYS D 72 -18.11 -1.05 -16.55
C LYS D 72 -19.29 -0.14 -16.94
N ASN D 73 -19.55 -0.09 -18.24
CA ASN D 73 -20.70 0.64 -18.78
C ASN D 73 -20.74 2.07 -18.25
N LEU D 74 -19.62 2.78 -18.41
CA LEU D 74 -19.42 4.06 -17.74
C LEU D 74 -20.49 5.08 -18.09
N LYS D 75 -20.93 5.83 -17.09
CA LYS D 75 -21.76 7.01 -17.26
C LYS D 75 -20.91 8.25 -17.02
N ILE D 76 -21.30 9.38 -17.64
CA ILE D 76 -20.62 10.63 -17.31
C ILE D 76 -20.66 10.87 -15.81
N GLU D 77 -21.80 10.57 -15.19
CA GLU D 77 -22.03 10.77 -13.77
C GLU D 77 -21.15 9.88 -12.88
N ASP D 78 -20.47 8.87 -13.45
CA ASP D 78 -19.48 8.09 -12.69
C ASP D 78 -18.21 8.88 -12.40
N SER D 79 -17.98 10.00 -13.10
CA SER D 79 -16.85 10.86 -12.78
C SER D 79 -16.89 11.25 -11.31
N ASP D 80 -15.79 11.01 -10.60
CA ASP D 80 -15.75 11.14 -9.14
C ASP D 80 -14.31 11.00 -8.68
N THR D 81 -14.05 11.42 -7.46
CA THR D 81 -12.85 10.98 -6.77
C THR D 81 -13.14 9.66 -6.06
N TYR D 82 -12.32 8.66 -6.36
CA TYR D 82 -12.38 7.34 -5.75
C TYR D 82 -11.14 7.17 -4.88
N ILE D 83 -11.33 6.63 -3.69
CA ILE D 83 -10.28 6.56 -2.68
C ILE D 83 -10.07 5.10 -2.34
N CYS D 84 -8.84 4.63 -2.54
CA CYS D 84 -8.43 3.28 -2.16
C CYS D 84 -7.70 3.36 -0.83
N GLU D 85 -8.24 2.69 0.18
CA GLU D 85 -7.61 2.63 1.49
C GLU D 85 -7.10 1.22 1.69
N VAL D 86 -5.79 1.07 1.88
CA VAL D 86 -5.16 -0.21 2.15
C VAL D 86 -4.44 -0.06 3.47
N GLU D 87 -4.88 -0.82 4.48
CA GLU D 87 -4.27 -0.75 5.79
C GLU D 87 -4.17 0.69 6.27
N ASP D 88 -2.95 1.24 6.31
CA ASP D 88 -2.69 2.58 6.82
C ASP D 88 -2.63 3.65 5.74
N GLN D 89 -2.77 3.30 4.47
CA GLN D 89 -2.55 4.24 3.38
C GLN D 89 -3.85 4.50 2.64
N LYS D 90 -3.97 5.71 2.13
CA LYS D 90 -5.07 6.09 1.25
C LYS D 90 -4.48 6.70 -0.02
N GLU D 91 -5.08 6.34 -1.17
CA GLU D 91 -4.70 6.86 -2.48
C GLU D 91 -5.96 7.34 -3.18
N GLU D 92 -5.91 8.54 -3.75
CA GLU D 92 -7.09 9.12 -4.40
C GLU D 92 -6.87 9.16 -5.91
N VAL D 93 -7.94 8.88 -6.64
CA VAL D 93 -7.92 8.88 -8.10
C VAL D 93 -9.13 9.67 -8.57
N GLN D 94 -8.91 10.65 -9.46
CA GLN D 94 -10.02 11.38 -10.06
C GLN D 94 -10.33 10.78 -11.42
N LEU D 95 -11.50 10.16 -11.53
CA LEU D 95 -12.00 9.62 -12.79
C LEU D 95 -12.78 10.69 -13.52
N LEU D 96 -12.48 10.90 -14.81
CA LEU D 96 -13.27 11.83 -15.64
C LEU D 96 -13.72 11.08 -16.88
N VAL D 97 -15.03 11.01 -17.12
CA VAL D 97 -15.63 10.23 -18.20
C VAL D 97 -16.15 11.19 -19.26
N PHE D 98 -15.84 10.90 -20.53
CA PHE D 98 -16.27 11.70 -21.67
C PHE D 98 -17.01 10.84 -22.67
N GLY D 99 -17.91 11.48 -23.42
CA GLY D 99 -18.56 10.84 -24.55
C GLY D 99 -18.52 11.76 -25.75
N LEU D 100 -18.55 11.15 -26.93
CA LEU D 100 -18.42 11.90 -28.18
C LEU D 100 -19.48 11.44 -29.16
N THR D 101 -20.21 12.38 -29.75
CA THR D 101 -21.25 12.06 -30.72
C THR D 101 -21.22 13.09 -31.84
N ALA D 102 -21.73 12.71 -33.01
CA ALA D 102 -21.92 13.66 -34.11
C ALA D 102 -23.37 14.09 -34.16
N ASN D 103 -23.64 15.12 -34.99
CA ASN D 103 -24.96 15.72 -35.05
C ASN D 103 -25.97 14.88 -35.83
N SER D 104 -25.54 13.75 -36.40
CA SER D 104 -26.46 12.86 -37.09
C SER D 104 -26.34 11.47 -36.48
N THR D 106 -28.68 7.75 -40.14
CA THR D 106 -27.86 8.91 -39.80
C THR D 106 -26.69 9.06 -40.77
N HIS D 107 -26.77 10.05 -41.65
CA HIS D 107 -25.68 10.34 -42.57
C HIS D 107 -25.68 11.83 -42.87
N LEU D 108 -24.55 12.31 -43.36
CA LEU D 108 -24.37 13.71 -43.70
C LEU D 108 -24.06 13.84 -45.19
N LEU D 109 -24.25 15.04 -45.72
CA LEU D 109 -24.11 15.31 -47.14
C LEU D 109 -22.96 16.27 -47.39
N GLN D 110 -22.35 16.17 -48.57
CA GLN D 110 -21.29 17.09 -48.93
C GLN D 110 -21.83 18.51 -48.99
N GLY D 111 -21.04 19.46 -48.50
CA GLY D 111 -21.47 20.83 -48.37
C GLY D 111 -22.19 21.15 -47.08
N GLN D 112 -22.66 20.14 -46.35
CA GLN D 112 -23.30 20.31 -45.06
C GLN D 112 -22.27 20.34 -43.93
N SER D 113 -22.73 20.68 -42.74
CA SER D 113 -21.85 20.87 -41.60
C SER D 113 -21.84 19.64 -40.69
N LEU D 114 -20.69 19.39 -40.06
CA LEU D 114 -20.54 18.35 -39.06
C LEU D 114 -20.28 19.01 -37.71
N THR D 115 -21.00 18.57 -36.69
CA THR D 115 -20.78 19.06 -35.33
C THR D 115 -20.49 17.86 -34.44
N LEU D 116 -19.31 17.87 -33.84
CA LEU D 116 -18.93 16.88 -32.85
C LEU D 116 -19.06 17.49 -31.47
N THR D 117 -19.71 16.77 -30.57
CA THR D 117 -20.00 17.25 -29.23
C THR D 117 -19.40 16.29 -28.22
N LEU D 118 -18.54 16.82 -27.34
CA LEU D 118 -17.90 16.04 -26.29
C LEU D 118 -18.67 16.25 -24.99
N GLU D 119 -19.44 15.25 -24.59
CA GLU D 119 -20.13 15.29 -23.32
C GLU D 119 -19.09 15.11 -22.21
N SER D 120 -19.10 16.01 -21.22
CA SER D 120 -17.97 16.17 -20.32
C SER D 120 -18.45 16.37 -18.89
N PRO D 121 -17.65 16.00 -17.90
CA PRO D 121 -18.02 16.27 -16.51
C PRO D 121 -18.13 17.76 -16.26
N PRO D 122 -18.95 18.17 -15.31
CA PRO D 122 -19.07 19.61 -15.00
C PRO D 122 -17.74 20.24 -14.61
N GLY D 123 -17.48 21.41 -15.19
CA GLY D 123 -16.29 22.18 -14.89
C GLY D 123 -15.07 21.81 -15.68
N SER D 124 -15.08 20.69 -16.40
CA SER D 124 -13.90 20.29 -17.15
C SER D 124 -13.72 21.20 -18.37
N SER D 125 -12.46 21.41 -18.75
CA SER D 125 -12.10 22.21 -19.92
C SER D 125 -11.18 21.38 -20.81
N PRO D 126 -11.67 20.29 -21.39
CA PRO D 126 -10.83 19.48 -22.27
C PRO D 126 -10.52 20.21 -23.57
N SER D 127 -9.42 19.83 -24.19
CA SER D 127 -9.16 20.23 -25.57
C SER D 127 -9.29 19.00 -26.45
N VAL D 128 -9.89 19.19 -27.62
CA VAL D 128 -10.18 18.09 -28.54
C VAL D 128 -9.45 18.34 -29.84
N GLN D 129 -8.77 17.32 -30.34
CA GLN D 129 -8.10 17.33 -31.63
C GLN D 129 -8.64 16.16 -32.43
N CYS D 130 -9.13 16.43 -33.64
CA CYS D 130 -9.70 15.40 -34.50
C CYS D 130 -8.98 15.38 -35.84
N ARG D 131 -8.78 14.17 -36.36
CA ARG D 131 -8.17 13.95 -37.67
C ARG D 131 -9.20 13.28 -38.56
N SER D 132 -9.45 13.90 -39.72
CA SER D 132 -10.43 13.38 -40.66
C SER D 132 -9.78 12.31 -41.54
N PRO D 133 -10.59 11.53 -42.27
CA PRO D 133 -10.01 10.58 -43.23
C PRO D 133 -9.11 11.23 -44.26
N ARG D 134 -9.42 12.46 -44.69
CA ARG D 134 -8.56 13.17 -45.62
C ARG D 134 -7.20 13.52 -45.02
N GLY D 135 -7.06 13.41 -43.70
CA GLY D 135 -5.80 13.70 -43.03
C GLY D 135 -5.70 15.08 -42.41
N LYS D 136 -6.71 15.92 -42.55
CA LYS D 136 -6.68 17.24 -41.93
C LYS D 136 -6.96 17.12 -40.42
N ASN D 137 -6.32 17.97 -39.65
CA ASN D 137 -6.50 18.02 -38.21
C ASN D 137 -7.26 19.29 -37.84
N ILE D 138 -8.16 19.16 -36.87
CA ILE D 138 -8.95 20.27 -36.36
C ILE D 138 -8.92 20.22 -34.83
N GLN D 139 -9.04 21.38 -34.20
CA GLN D 139 -8.99 21.42 -32.74
C GLN D 139 -10.00 22.40 -32.17
N GLY D 140 -10.42 22.14 -30.95
CA GLY D 140 -11.25 23.09 -30.23
C GLY D 140 -11.56 22.60 -28.83
N GLY D 141 -12.72 22.99 -28.31
CA GLY D 141 -13.19 22.59 -27.01
C GLY D 141 -14.24 21.50 -27.11
N LYS D 142 -15.30 21.65 -26.31
CA LYS D 142 -16.32 20.60 -26.24
C LYS D 142 -17.20 20.51 -27.48
N THR D 143 -17.21 21.54 -28.33
CA THR D 143 -17.97 21.53 -29.57
C THR D 143 -17.05 21.86 -30.73
N LEU D 144 -16.98 20.97 -31.72
CA LEU D 144 -16.22 21.20 -32.95
C LEU D 144 -17.18 21.15 -34.13
N SER D 145 -17.15 22.18 -34.96
CA SER D 145 -18.03 22.24 -36.13
C SER D 145 -17.19 22.44 -37.39
N VAL D 146 -17.39 21.56 -38.36
CA VAL D 146 -16.86 21.73 -39.71
C VAL D 146 -18.00 22.20 -40.61
N SER D 147 -17.76 23.29 -41.35
CA SER D 147 -18.86 23.98 -42.02
C SER D 147 -19.31 23.27 -43.30
N GLN D 148 -18.37 22.78 -44.11
CA GLN D 148 -18.70 22.21 -45.43
C GLN D 148 -17.96 20.90 -45.65
N LEU D 149 -18.66 19.78 -45.45
CA LEU D 149 -18.05 18.47 -45.61
C LEU D 149 -17.72 18.19 -47.07
N GLU D 150 -16.63 17.45 -47.27
CA GLU D 150 -16.24 16.91 -48.56
C GLU D 150 -16.49 15.41 -48.59
N LEU D 151 -16.56 14.85 -49.80
CA LEU D 151 -16.75 13.41 -49.95
C LEU D 151 -15.60 12.63 -49.34
N GLN D 152 -14.38 13.16 -49.43
CA GLN D 152 -13.22 12.51 -48.84
C GLN D 152 -13.26 12.50 -47.31
N ASP D 153 -14.20 13.23 -46.71
CA ASP D 153 -14.39 13.21 -45.26
C ASP D 153 -15.21 12.03 -44.78
N SER D 154 -15.66 11.17 -45.70
CA SER D 154 -16.42 9.99 -45.30
C SER D 154 -15.45 8.88 -44.89
N GLY D 155 -15.66 8.34 -43.70
CA GLY D 155 -14.79 7.33 -43.14
C GLY D 155 -14.64 7.53 -41.64
N THR D 156 -13.58 6.95 -41.09
CA THR D 156 -13.37 6.95 -39.65
C THR D 156 -12.60 8.20 -39.23
N TRP D 157 -13.18 8.99 -38.34
CA TRP D 157 -12.48 10.10 -37.71
C TRP D 157 -11.88 9.65 -36.40
N THR D 158 -10.73 10.22 -36.06
CA THR D 158 -10.01 9.91 -34.83
C THR D 158 -9.88 11.19 -34.02
N CYS D 159 -10.48 11.21 -32.82
CA CYS D 159 -10.49 12.38 -31.96
C CYS D 159 -9.80 12.04 -30.65
N THR D 160 -8.90 12.92 -30.22
CA THR D 160 -8.17 12.76 -28.98
C THR D 160 -8.58 13.87 -28.01
N VAL D 161 -8.98 13.47 -26.81
CA VAL D 161 -9.34 14.39 -25.74
C VAL D 161 -8.13 14.52 -24.81
N LEU D 162 -7.72 15.76 -24.57
CA LEU D 162 -6.61 16.07 -23.67
C LEU D 162 -7.18 16.70 -22.41
N GLN D 163 -6.96 16.06 -21.26
CA GLN D 163 -7.50 16.56 -20.00
C GLN D 163 -6.51 16.21 -18.91
N ASN D 164 -6.00 17.22 -18.20
CA ASN D 164 -5.01 17.00 -17.12
C ASN D 164 -3.81 16.21 -17.62
N GLN D 165 -3.35 16.55 -18.83
CA GLN D 165 -2.19 15.94 -19.47
C GLN D 165 -2.34 14.45 -19.71
N LYS D 166 -3.54 13.90 -19.57
CA LYS D 166 -3.86 12.56 -20.03
C LYS D 166 -4.67 12.65 -21.32
N LYS D 167 -4.55 11.62 -22.14
CA LYS D 167 -5.27 11.58 -23.41
C LYS D 167 -6.16 10.35 -23.47
N VAL D 168 -7.30 10.51 -24.11
CA VAL D 168 -8.16 9.38 -24.46
C VAL D 168 -8.64 9.59 -25.89
N GLU D 169 -8.78 8.48 -26.62
CA GLU D 169 -8.99 8.52 -28.06
C GLU D 169 -10.35 7.93 -28.42
N PHE D 170 -11.09 8.65 -29.28
CA PHE D 170 -12.37 8.20 -29.81
C PHE D 170 -12.25 7.98 -31.31
N LYS D 171 -12.89 6.91 -31.80
CA LYS D 171 -13.05 6.68 -33.23
C LYS D 171 -14.52 6.83 -33.57
N ILE D 172 -14.85 7.62 -34.59
CA ILE D 172 -16.24 7.82 -34.98
C ILE D 172 -16.36 7.76 -36.51
N ASP D 173 -17.27 6.93 -36.99
CA ASP D 173 -17.49 6.76 -38.42
C ASP D 173 -18.46 7.84 -38.91
N ILE D 174 -18.01 8.64 -39.86
CA ILE D 174 -18.83 9.69 -40.46
C ILE D 174 -19.06 9.30 -41.92
N VAL D 175 -20.32 9.23 -42.32
CA VAL D 175 -20.70 8.90 -43.69
C VAL D 175 -21.12 10.19 -44.38
N VAL D 176 -20.42 10.53 -45.47
CA VAL D 176 -20.70 11.72 -46.26
C VAL D 176 -21.10 11.26 -47.66
N LEU D 177 -22.27 11.70 -48.12
CA LEU D 177 -22.77 11.36 -49.45
C LEU D 177 -22.78 12.61 -50.33
N ALA D 178 -22.79 12.38 -51.64
CA ALA D 178 -22.76 13.48 -52.61
C ALA D 178 -24.13 14.14 -52.74
N GLU E 3 0.42 34.50 20.29
CA GLU E 3 0.38 33.81 19.01
C GLU E 3 -0.72 32.76 18.95
N VAL E 4 -0.58 31.73 19.78
CA VAL E 4 -1.51 30.61 19.83
C VAL E 4 -2.50 30.86 20.95
N GLN E 5 -3.79 30.73 20.63
CA GLN E 5 -4.87 30.79 21.61
C GLN E 5 -5.54 29.43 21.70
N LEU E 6 -5.85 29.00 22.92
CA LEU E 6 -6.44 27.69 23.20
C LEU E 6 -7.60 27.85 24.17
N VAL E 7 -8.75 27.25 23.86
CA VAL E 7 -9.93 27.32 24.72
C VAL E 7 -10.51 25.93 24.90
N GLU E 8 -10.51 25.42 26.14
CA GLU E 8 -11.06 24.12 26.46
C GLU E 8 -12.55 24.21 26.83
N SER E 9 -13.30 23.17 26.48
CA SER E 9 -14.70 23.10 26.89
C SER E 9 -15.09 21.64 27.10
N GLY E 10 -16.27 21.43 27.67
CA GLY E 10 -16.83 20.11 27.80
C GLY E 10 -16.82 19.52 29.20
N GLY E 11 -16.09 20.12 30.14
CA GLY E 11 -16.07 19.62 31.50
C GLY E 11 -17.39 19.80 32.24
N GLY E 12 -17.49 19.09 33.36
CA GLY E 12 -18.64 19.18 34.23
C GLY E 12 -18.63 18.07 35.26
N LEU E 13 -19.75 17.96 35.97
CA LEU E 13 -19.99 16.87 36.91
C LEU E 13 -20.36 15.59 36.17
N VAL E 14 -19.81 14.48 36.63
CA VAL E 14 -20.12 13.16 36.07
C VAL E 14 -20.02 12.13 37.18
N GLN E 15 -20.88 11.12 37.11
CA GLN E 15 -20.83 10.07 38.11
C GLN E 15 -19.70 9.11 37.81
N ALA E 16 -19.11 8.55 38.87
CA ALA E 16 -18.05 7.56 38.70
C ALA E 16 -18.51 6.47 37.76
N GLY E 17 -17.60 6.06 36.86
CA GLY E 17 -17.92 5.13 35.82
C GLY E 17 -18.40 5.75 34.53
N GLY E 18 -18.73 7.04 34.54
CA GLY E 18 -19.24 7.74 33.38
C GLY E 18 -18.14 8.30 32.49
N SER E 19 -18.55 9.16 31.57
CA SER E 19 -17.66 9.63 30.51
C SER E 19 -17.91 11.10 30.21
N LEU E 20 -16.87 11.76 29.67
CA LEU E 20 -16.96 13.13 29.16
C LEU E 20 -16.00 13.25 27.99
N ARG E 21 -16.38 14.03 26.99
CA ARG E 21 -15.48 14.42 25.92
C ARG E 21 -15.09 15.88 26.11
N LEU E 22 -13.79 16.14 26.25
CA LEU E 22 -13.28 17.50 26.31
C LEU E 22 -12.81 17.93 24.93
N SER E 23 -12.96 19.22 24.62
CA SER E 23 -12.58 19.76 23.34
C SER E 23 -11.74 21.01 23.54
N CYS E 24 -10.77 21.18 22.66
CA CYS E 24 -9.88 22.33 22.71
C CYS E 24 -9.93 23.00 21.35
N ALA E 25 -10.39 24.24 21.32
CA ALA E 25 -10.44 25.02 20.09
C ALA E 25 -9.17 25.87 20.01
N ALA E 26 -8.41 25.69 18.94
CA ALA E 26 -7.10 26.28 18.80
C ALA E 26 -7.10 27.27 17.63
N SER E 27 -6.29 28.31 17.77
CA SER E 27 -6.07 29.25 16.68
C SER E 27 -4.59 29.62 16.68
N GLY E 28 -4.09 29.92 15.50
CA GLY E 28 -2.67 30.20 15.30
C GLY E 28 -2.29 29.81 13.89
N ARG E 29 -1.35 30.57 13.32
CA ARG E 29 -0.99 30.36 11.92
C ARG E 29 -0.38 28.98 11.69
N THR E 30 0.27 28.40 12.70
CA THR E 30 0.99 27.15 12.54
C THR E 30 0.42 26.03 13.39
N ILE E 31 -0.86 26.11 13.78
CA ILE E 31 -1.44 25.09 14.65
C ILE E 31 -1.37 23.70 14.00
N SER E 32 -1.57 23.64 12.68
CA SER E 32 -1.52 22.38 11.97
C SER E 32 -0.14 21.75 11.94
N SER E 33 0.90 22.48 12.38
CA SER E 33 2.26 22.01 12.32
C SER E 33 2.82 21.57 13.67
N VAL E 34 2.09 21.77 14.77
CA VAL E 34 2.66 21.53 16.09
C VAL E 34 1.93 20.39 16.78
N ALA E 35 2.67 19.70 17.65
CA ALA E 35 2.09 18.74 18.57
C ALA E 35 1.20 19.45 19.59
N MET E 36 0.20 18.74 20.08
CA MET E 36 -0.68 19.29 21.10
C MET E 36 -0.87 18.23 22.17
N GLY E 37 -1.33 18.66 23.34
CA GLY E 37 -1.48 17.70 24.42
C GLY E 37 -2.49 18.19 25.44
N TRP E 38 -2.70 17.33 26.45
CA TRP E 38 -3.59 17.59 27.56
C TRP E 38 -2.87 17.29 28.87
N PHE E 39 -3.13 18.13 29.88
CA PHE E 39 -2.64 17.96 31.24
C PHE E 39 -3.83 18.05 32.17
N ARG E 40 -3.63 17.66 33.43
CA ARG E 40 -4.65 17.95 34.43
C ARG E 40 -4.00 18.32 35.74
N GLN E 41 -4.73 19.07 36.57
CA GLN E 41 -4.20 19.52 37.85
C GLN E 41 -5.31 19.63 38.87
N ALA E 42 -5.10 19.01 40.04
CA ALA E 42 -6.01 19.38 41.11
C ALA E 42 -5.43 20.55 41.91
N PRO E 43 -6.28 21.41 42.48
CA PRO E 43 -5.77 22.52 43.30
C PRO E 43 -4.82 22.01 44.39
N GLU E 44 -3.69 22.71 44.53
CA GLU E 44 -2.62 22.39 45.48
C GLU E 44 -1.96 21.05 45.20
N LYS E 45 -2.07 20.56 43.96
CA LYS E 45 -1.35 19.39 43.49
C LYS E 45 -0.59 19.75 42.22
N GLU E 46 0.40 18.95 41.86
CA GLU E 46 1.21 19.24 40.69
C GLU E 46 0.46 18.90 39.41
N ARG E 47 0.80 19.61 38.32
CA ARG E 47 0.23 19.27 37.03
C ARG E 47 0.68 17.88 36.62
N GLU E 48 -0.19 17.18 35.91
CA GLU E 48 0.04 15.80 35.49
C GLU E 48 -0.20 15.67 33.99
N PHE E 49 0.78 15.13 33.27
CA PHE E 49 0.61 14.87 31.84
C PHE E 49 -0.48 13.82 31.60
N VAL E 50 -1.37 14.08 30.63
CA VAL E 50 -2.46 13.15 30.31
C VAL E 50 -2.27 12.49 28.94
N ALA E 51 -2.12 13.29 27.88
CA ALA E 51 -2.04 12.72 26.54
C ALA E 51 -1.43 13.75 25.60
N ALA E 52 -0.93 13.25 24.46
CA ALA E 52 -0.29 14.08 23.46
C ALA E 52 -0.55 13.49 22.09
N ILE E 53 -0.47 14.33 21.06
CA ILE E 53 -0.75 13.89 19.70
C ILE E 53 0.10 14.71 18.73
N THR E 54 0.66 14.03 17.73
CA THR E 54 1.51 14.71 16.76
C THR E 54 0.69 15.62 15.85
N TRP E 55 1.39 16.48 15.12
CA TRP E 55 0.75 17.44 14.22
C TRP E 55 -0.19 16.76 13.24
N SER E 56 0.19 15.59 12.73
CA SER E 56 -0.64 14.91 11.74
C SER E 56 -1.74 14.08 12.37
N GLY E 57 -1.71 13.88 13.69
CA GLY E 57 -2.63 12.99 14.36
C GLY E 57 -2.27 11.52 14.23
N ASP E 58 -1.19 11.17 13.55
CA ASP E 58 -0.90 9.77 13.28
C ASP E 58 -0.36 9.02 14.49
N TYR E 59 0.26 9.72 15.45
CA TYR E 59 0.81 9.10 16.66
C TYR E 59 0.27 9.81 17.89
N THR E 60 -0.03 9.01 18.92
CA THR E 60 -0.53 9.54 20.18
C THR E 60 0.23 8.91 21.34
N ASN E 61 0.18 9.60 22.48
CA ASN E 61 0.82 9.17 23.71
C ASN E 61 -0.16 9.44 24.84
N VAL E 62 -0.75 8.40 25.42
CA VAL E 62 -1.61 8.54 26.58
C VAL E 62 -0.88 7.99 27.79
N ALA E 63 -0.92 8.73 28.90
CA ALA E 63 -0.25 8.33 30.12
C ALA E 63 -0.66 6.93 30.56
N ASP E 64 0.29 6.19 31.14
CA ASP E 64 0.07 4.76 31.39
C ASP E 64 -1.12 4.50 32.30
N SER E 65 -1.30 5.32 33.34
CA SER E 65 -2.43 5.08 34.23
C SER E 65 -3.77 5.44 33.60
N MET E 66 -3.76 6.01 32.40
CA MET E 66 -4.99 6.43 31.74
C MET E 66 -5.18 5.73 30.40
N LYS E 67 -4.23 4.89 29.97
CA LYS E 67 -4.38 4.15 28.73
C LYS E 67 -5.63 3.28 28.78
N GLY E 68 -6.25 3.09 27.62
CA GLY E 68 -7.44 2.27 27.53
C GLY E 68 -8.70 2.90 28.09
N ARG E 69 -8.57 3.93 28.92
CA ARG E 69 -9.71 4.73 29.37
C ARG E 69 -9.84 6.03 28.61
N PHE E 70 -8.71 6.71 28.40
CA PHE E 70 -8.67 8.03 27.78
C PHE E 70 -8.06 7.92 26.38
N THR E 71 -8.66 8.62 25.42
CA THR E 71 -8.16 8.66 24.05
C THR E 71 -8.10 10.11 23.57
N ILE E 72 -7.18 10.38 22.64
CA ILE E 72 -6.96 11.72 22.13
C ILE E 72 -7.05 11.69 20.61
N SER E 73 -7.63 12.74 20.02
CA SER E 73 -7.73 12.86 18.58
C SER E 73 -7.66 14.34 18.23
N ARG E 74 -7.45 14.63 16.95
CA ARG E 74 -7.43 16.03 16.53
C ARG E 74 -8.03 16.14 15.13
N ASP E 75 -8.48 17.36 14.83
CA ASP E 75 -9.14 17.69 13.57
C ASP E 75 -8.49 18.99 13.11
N ASN E 76 -7.49 18.88 12.25
CA ASN E 76 -6.78 20.09 11.82
C ASN E 76 -7.68 20.97 10.97
N ALA E 77 -8.59 20.37 10.19
CA ALA E 77 -9.53 21.18 9.41
C ALA E 77 -10.35 22.09 10.31
N ARG E 78 -10.91 21.55 11.38
CA ARG E 78 -11.70 22.32 12.32
C ARG E 78 -10.86 22.97 13.42
N LYS E 79 -9.55 22.70 13.45
CA LYS E 79 -8.63 23.31 14.40
C LYS E 79 -8.97 22.95 15.85
N THR E 80 -9.25 21.67 16.09
CA THR E 80 -9.58 21.20 17.43
C THR E 80 -8.72 20.00 17.80
N VAL E 81 -8.63 19.75 19.10
CA VAL E 81 -8.11 18.50 19.65
C VAL E 81 -9.07 18.06 20.75
N SER E 82 -9.35 16.76 20.79
CA SER E 82 -10.39 16.23 21.66
C SER E 82 -9.80 15.17 22.58
N LEU E 83 -10.29 15.13 23.81
CA LEU E 83 -9.89 14.13 24.79
C LEU E 83 -11.15 13.43 25.30
N GLN E 84 -11.27 12.14 25.02
CA GLN E 84 -12.41 11.35 25.45
C GLN E 84 -12.05 10.64 26.76
N LEU E 85 -12.77 10.96 27.83
CA LEU E 85 -12.60 10.29 29.11
C LEU E 85 -13.69 9.24 29.28
N THR E 86 -13.32 8.05 29.73
CA THR E 86 -14.29 7.02 30.08
C THR E 86 -13.88 6.36 31.39
N ASN E 87 -14.81 5.58 31.95
CA ASN E 87 -14.64 4.90 33.23
C ASN E 87 -14.02 5.82 34.28
N LEU E 88 -14.60 7.01 34.41
CA LEU E 88 -14.03 8.03 35.28
C LEU E 88 -14.10 7.62 36.76
N LYS E 89 -13.06 7.98 37.50
CA LYS E 89 -12.90 7.73 38.91
C LYS E 89 -12.80 9.05 39.68
N PRO E 90 -13.16 9.06 40.97
CA PRO E 90 -12.96 10.28 41.76
C PRO E 90 -11.55 10.83 41.65
N GLU E 91 -10.55 9.96 41.52
CA GLU E 91 -9.17 10.41 41.36
C GLU E 91 -8.94 11.20 40.08
N ASP E 92 -9.86 11.14 39.12
CA ASP E 92 -9.74 11.90 37.87
C ASP E 92 -10.27 13.33 38.00
N THR E 93 -10.81 13.70 39.15
CA THR E 93 -11.30 15.06 39.36
C THR E 93 -10.16 16.07 39.31
N ALA E 94 -10.29 17.08 38.44
CA ALA E 94 -9.19 18.01 38.20
C ALA E 94 -9.65 19.06 37.19
N VAL E 95 -8.84 20.11 37.03
CA VAL E 95 -8.95 20.99 35.86
C VAL E 95 -8.09 20.39 34.76
N TYR E 96 -8.68 20.26 33.56
CA TYR E 96 -7.98 19.70 32.41
C TYR E 96 -7.59 20.84 31.47
N TYR E 97 -6.34 20.82 31.00
CA TYR E 97 -5.78 21.89 30.17
C TYR E 97 -5.29 21.32 28.84
N CYS E 98 -5.56 22.02 27.73
CA CYS E 98 -4.89 21.66 26.48
C CYS E 98 -3.66 22.54 26.29
N ALA E 99 -2.75 22.05 25.46
CA ALA E 99 -1.45 22.69 25.33
C ALA E 99 -0.93 22.44 23.92
N ALA E 100 -0.04 23.31 23.45
CA ALA E 100 0.39 23.27 22.05
C ALA E 100 1.83 23.73 21.94
N ASP E 101 2.52 23.19 20.94
CA ASP E 101 3.87 23.56 20.51
C ASP E 101 4.96 22.95 21.40
N LEU E 102 5.58 21.89 20.88
CA LEU E 102 6.68 21.20 21.52
C LEU E 102 8.03 21.57 20.93
N ARG E 103 8.09 22.68 20.17
CA ARG E 103 9.31 23.10 19.47
C ARG E 103 9.91 21.96 18.66
N GLY E 104 9.06 21.08 18.15
CA GLY E 104 9.52 19.95 17.36
C GLY E 104 9.96 18.74 18.15
N GLY E 105 9.83 18.75 19.47
CA GLY E 105 10.26 17.62 20.27
C GLY E 105 9.36 16.42 20.09
N SER E 106 9.81 15.29 20.64
CA SER E 106 9.04 14.06 20.59
C SER E 106 7.88 14.07 21.59
N ILE E 107 6.68 13.70 21.13
CA ILE E 107 5.53 13.65 22.04
C ILE E 107 5.69 12.56 23.10
N TYR E 108 6.58 11.59 22.86
CA TYR E 108 6.91 10.55 23.82
C TYR E 108 8.12 10.92 24.67
N GLY E 109 8.81 12.01 24.36
CA GLY E 109 10.06 12.33 25.03
C GLY E 109 10.06 13.58 25.88
N THR E 110 9.18 14.53 25.59
CA THR E 110 9.14 15.80 26.32
C THR E 110 7.69 16.30 26.33
N ALA E 111 7.33 17.02 27.40
CA ALA E 111 6.02 17.64 27.46
C ALA E 111 6.11 19.11 27.86
N ASP E 112 7.18 19.79 27.43
CA ASP E 112 7.38 21.22 27.69
C ASP E 112 6.64 22.05 26.63
N TYR E 113 5.32 21.90 26.60
CA TYR E 113 4.50 22.65 25.66
C TYR E 113 4.56 24.15 25.96
N VAL E 114 4.65 24.94 24.89
CA VAL E 114 4.86 26.38 25.04
C VAL E 114 3.58 27.10 25.47
N TYR E 115 2.45 26.77 24.86
CA TYR E 115 1.18 27.46 25.08
C TYR E 115 0.18 26.55 25.79
N TRP E 116 -0.55 27.09 26.75
CA TRP E 116 -1.58 26.36 27.48
C TRP E 116 -2.88 27.14 27.44
N GLY E 117 -4.00 26.41 27.50
CA GLY E 117 -5.30 27.05 27.59
C GLY E 117 -5.61 27.44 29.02
N GLN E 118 -6.89 27.72 29.26
CA GLN E 118 -7.35 28.22 30.55
C GLN E 118 -8.00 27.16 31.41
N GLY E 119 -8.32 26.01 30.84
CA GLY E 119 -8.77 24.85 31.59
C GLY E 119 -10.28 24.67 31.56
N THR E 120 -10.71 23.43 31.81
CA THR E 120 -12.12 23.09 31.97
C THR E 120 -12.21 22.08 33.11
N GLN E 121 -13.16 22.29 34.02
CA GLN E 121 -13.16 21.54 35.28
C GLN E 121 -14.00 20.27 35.14
N VAL E 122 -13.42 19.15 35.58
CA VAL E 122 -14.08 17.85 35.59
C VAL E 122 -14.22 17.41 37.05
N THR E 123 -15.45 17.17 37.49
CA THR E 123 -15.73 16.69 38.84
C THR E 123 -16.39 15.32 38.75
N VAL E 124 -15.76 14.31 39.33
CA VAL E 124 -16.29 12.94 39.34
C VAL E 124 -16.80 12.65 40.74
N SER E 125 -18.10 12.40 40.87
CA SER E 125 -18.71 12.24 42.19
C SER E 125 -18.82 10.77 42.58
N SER E 126 -18.65 10.51 43.88
CA SER E 126 -18.76 9.18 44.50
C SER E 126 -17.95 8.13 43.76
N LYS F 1 2.96 -2.80 18.76
CA LYS F 1 4.17 -2.03 18.49
C LYS F 1 5.37 -2.63 19.23
N LYS F 2 6.54 -2.58 18.59
CA LYS F 2 7.76 -3.10 19.19
C LYS F 2 8.35 -2.09 20.15
N VAL F 3 8.83 -2.57 21.31
CA VAL F 3 9.29 -1.71 22.39
C VAL F 3 10.73 -2.05 22.74
N VAL F 4 11.59 -1.03 22.77
CA VAL F 4 12.98 -1.16 23.19
C VAL F 4 13.23 -0.18 24.34
N LEU F 5 13.86 -0.67 25.40
CA LEU F 5 14.20 0.16 26.54
C LEU F 5 15.68 0.52 26.49
N GLY F 6 15.98 1.81 26.67
CA GLY F 6 17.35 2.28 26.68
C GLY F 6 17.71 2.95 27.99
N LYS F 7 19.00 3.00 28.30
CA LYS F 7 19.49 3.64 29.51
C LYS F 7 20.07 5.01 29.19
N LYS F 8 19.76 5.99 30.03
CA LYS F 8 20.26 7.34 29.86
C LYS F 8 21.78 7.35 29.72
N GLY F 9 22.27 8.04 28.69
CA GLY F 9 23.69 8.13 28.42
C GLY F 9 24.31 6.98 27.66
N ASP F 10 23.59 5.87 27.48
CA ASP F 10 24.09 4.71 26.76
C ASP F 10 23.80 4.86 25.26
N THR F 11 24.24 3.85 24.49
CA THR F 11 23.98 3.76 23.07
C THR F 11 23.01 2.61 22.80
N VAL F 12 22.02 2.84 21.94
CA VAL F 12 21.11 1.79 21.50
C VAL F 12 21.25 1.64 19.99
N GLU F 13 21.00 0.43 19.51
CA GLU F 13 21.01 0.13 18.08
C GLU F 13 19.66 -0.47 17.72
N LEU F 14 18.79 0.34 17.13
CA LEU F 14 17.48 -0.14 16.69
C LEU F 14 17.61 -0.88 15.37
N THR F 15 17.22 -2.15 15.37
CA THR F 15 17.47 -3.01 14.22
C THR F 15 16.35 -2.87 13.18
N CYS F 16 16.72 -3.06 11.91
CA CYS F 16 15.77 -3.05 10.81
C CYS F 16 16.26 -4.04 9.76
N THR F 17 15.50 -5.09 9.52
CA THR F 17 15.86 -6.17 8.61
C THR F 17 15.02 -6.09 7.34
N ALA F 18 15.64 -6.38 6.20
CA ALA F 18 14.94 -6.42 4.93
C ALA F 18 15.12 -7.78 4.27
N ILE F 24 19.40 -1.74 -0.75
CA ILE F 24 18.26 -1.03 -1.31
C ILE F 24 18.07 0.31 -0.62
N GLN F 25 17.08 1.08 -1.06
CA GLN F 25 16.83 2.40 -0.53
C GLN F 25 15.95 2.33 0.71
N PHE F 26 16.33 3.08 1.75
CA PHE F 26 15.62 3.05 3.02
C PHE F 26 15.74 4.42 3.67
N HIS F 27 15.03 4.58 4.79
CA HIS F 27 15.18 5.75 5.65
C HIS F 27 14.51 5.48 6.98
N TRP F 28 15.02 6.14 8.03
CA TRP F 28 14.43 6.13 9.35
C TRP F 28 13.75 7.48 9.61
N LYS F 29 12.60 7.45 10.27
CA LYS F 29 11.88 8.66 10.65
C LYS F 29 11.44 8.55 12.10
N ASN F 30 11.15 9.70 12.71
CA ASN F 30 10.56 9.74 14.02
C ASN F 30 9.04 9.91 13.89
N SER F 31 8.36 10.00 15.03
CA SER F 31 6.91 10.07 14.99
C SER F 31 6.40 11.36 14.35
N ASN F 32 7.20 12.42 14.33
CA ASN F 32 6.82 13.62 13.60
C ASN F 32 7.01 13.48 12.09
N GLN F 33 7.43 12.30 11.62
CA GLN F 33 7.67 12.03 10.20
C GLN F 33 8.83 12.84 9.64
N ILE F 34 9.82 13.15 10.49
CA ILE F 34 11.04 13.80 10.04
C ILE F 34 12.07 12.73 9.74
N LYS F 35 12.72 12.83 8.58
CA LYS F 35 13.74 11.85 8.21
C LYS F 35 14.96 12.02 9.09
N ILE F 36 15.39 10.94 9.74
CA ILE F 36 16.57 11.00 10.58
C ILE F 36 17.82 10.64 9.78
N LEU F 37 17.74 9.57 8.98
CA LEU F 37 18.82 9.24 8.06
C LEU F 37 18.29 8.25 7.04
N GLY F 38 19.04 8.11 5.95
CA GLY F 38 18.65 7.21 4.89
C GLY F 38 19.65 7.27 3.76
N ASN F 39 19.24 6.78 2.59
CA ASN F 39 20.09 6.83 1.41
C ASN F 39 19.29 7.17 0.15
N SER F 49 16.57 16.96 12.10
CA SER F 49 16.40 15.96 13.15
C SER F 49 16.87 16.46 14.51
N LYS F 50 16.01 16.31 15.53
CA LYS F 50 16.38 16.68 16.89
C LYS F 50 17.61 15.93 17.38
N LEU F 51 17.81 14.69 16.88
CA LEU F 51 18.98 13.92 17.27
C LEU F 51 20.25 14.52 16.69
N ASN F 52 20.15 15.22 15.56
CA ASN F 52 21.27 15.87 14.90
C ASN F 52 22.39 14.90 14.59
N ASP F 53 23.50 15.02 15.32
CA ASP F 53 24.72 14.25 15.02
C ASP F 53 24.86 12.99 15.88
N ARG F 54 23.92 12.74 16.79
CA ARG F 54 24.00 11.56 17.64
C ARG F 54 23.41 10.31 17.01
N ALA F 55 22.84 10.41 15.82
CA ALA F 55 22.28 9.26 15.11
C ALA F 55 23.24 8.82 14.01
N ASP F 56 23.22 7.52 13.73
CA ASP F 56 24.14 6.93 12.76
C ASP F 56 23.65 5.53 12.39
N SER F 57 24.25 4.98 11.35
CA SER F 57 23.97 3.61 10.93
C SER F 57 25.27 2.85 10.73
N ARG F 58 25.20 1.68 10.10
CA ARG F 58 26.39 0.89 9.75
C ARG F 58 26.25 0.49 8.28
N ARG F 59 26.95 1.22 7.40
CA ARG F 59 26.88 0.92 5.98
C ARG F 59 27.41 -0.47 5.68
N SER F 60 28.33 -0.98 6.50
CA SER F 60 28.87 -2.32 6.29
C SER F 60 27.80 -3.39 6.45
N LEU F 61 26.69 -3.07 7.10
CA LEU F 61 25.57 -3.98 7.26
C LEU F 61 24.50 -3.79 6.19
N TRP F 62 24.55 -2.69 5.44
CA TRP F 62 23.55 -2.43 4.42
C TRP F 62 23.55 -3.49 3.33
N ASP F 63 24.73 -4.04 3.01
CA ASP F 63 24.81 -5.02 1.94
C ASP F 63 24.17 -6.35 2.34
N GLN F 64 24.16 -6.67 3.63
CA GLN F 64 23.49 -7.86 4.12
C GLN F 64 22.00 -7.64 4.36
N GLY F 65 21.51 -6.41 4.21
CA GLY F 65 20.11 -6.11 4.41
C GLY F 65 19.79 -5.41 5.71
N ASN F 66 20.76 -5.25 6.60
CA ASN F 66 20.53 -4.57 7.87
C ASN F 66 20.66 -3.07 7.70
N PHE F 67 19.73 -2.34 8.29
CA PHE F 67 19.70 -0.87 8.25
C PHE F 67 19.47 -0.33 9.65
N PRO F 68 20.45 -0.46 10.53
CA PRO F 68 20.24 -0.07 11.93
C PRO F 68 20.20 1.44 12.10
N LEU F 69 19.54 1.86 13.17
CA LEU F 69 19.55 3.25 13.62
C LEU F 69 20.22 3.27 14.99
N ILE F 70 21.40 3.89 15.05
CA ILE F 70 22.21 3.88 16.26
C ILE F 70 22.16 5.27 16.88
N ILE F 71 21.71 5.34 18.14
CA ILE F 71 21.59 6.60 18.85
C ILE F 71 22.52 6.55 20.06
N LYS F 72 23.45 7.49 20.12
CA LYS F 72 24.46 7.53 21.17
C LYS F 72 24.10 8.57 22.23
N ASN F 73 24.68 8.38 23.42
CA ASN F 73 24.53 9.30 24.55
C ASN F 73 23.05 9.62 24.79
N LEU F 74 22.27 8.57 25.00
CA LEU F 74 20.81 8.68 25.01
C LEU F 74 20.32 9.68 26.05
N LYS F 75 19.31 10.46 25.67
CA LYS F 75 18.59 11.36 26.56
C LYS F 75 17.16 10.87 26.74
N ILE F 76 16.55 11.21 27.88
CA ILE F 76 15.15 10.86 28.09
C ILE F 76 14.31 11.35 26.92
N GLU F 77 14.65 12.53 26.39
CA GLU F 77 13.91 13.17 25.31
C GLU F 77 14.06 12.45 23.98
N ASP F 78 14.98 11.49 23.86
CA ASP F 78 15.08 10.66 22.67
C ASP F 78 13.96 9.63 22.59
N SER F 79 13.24 9.43 23.69
CA SER F 79 12.12 8.48 23.67
C SER F 79 11.11 8.89 22.61
N ASP F 80 10.77 7.97 21.73
CA ASP F 80 10.00 8.28 20.53
C ASP F 80 9.65 6.97 19.84
N THR F 81 8.68 7.05 18.92
CA THR F 81 8.45 5.97 17.98
C THR F 81 9.30 6.25 16.74
N TYR F 82 10.11 5.27 16.36
CA TYR F 82 10.96 5.37 15.19
C TYR F 82 10.48 4.40 14.13
N ILE F 83 10.43 4.86 12.89
CA ILE F 83 9.86 4.08 11.79
C ILE F 83 10.97 3.83 10.77
N CYS F 84 11.23 2.56 10.47
CA CYS F 84 12.15 2.17 9.42
C CYS F 84 11.35 1.79 8.18
N GLU F 85 11.61 2.49 7.08
CA GLU F 85 10.90 2.25 5.83
C GLU F 85 11.88 1.63 4.83
N VAL F 86 11.86 0.31 4.72
CA VAL F 86 12.60 -0.40 3.69
C VAL F 86 11.71 -0.50 2.45
N GLU F 87 12.24 -0.03 1.32
CA GLU F 87 11.42 0.22 0.13
C GLU F 87 10.23 1.08 0.51
N ASP F 88 9.02 0.51 0.50
CA ASP F 88 7.83 1.22 0.94
C ASP F 88 7.23 0.65 2.22
N GLN F 89 7.70 -0.51 2.69
CA GLN F 89 7.14 -1.16 3.86
C GLN F 89 7.70 -0.53 5.13
N LYS F 90 6.81 -0.15 6.05
CA LYS F 90 7.19 0.45 7.31
C LYS F 90 7.33 -0.60 8.40
N GLU F 91 8.10 -0.25 9.44
CA GLU F 91 8.10 -1.01 10.69
C GLU F 91 8.49 -0.04 11.80
N GLU F 92 7.76 -0.10 12.90
CA GLU F 92 7.88 0.89 13.98
C GLU F 92 8.49 0.26 15.22
N VAL F 93 9.31 1.05 15.92
CA VAL F 93 9.89 0.68 17.20
C VAL F 93 9.69 1.84 18.16
N GLN F 94 9.17 1.56 19.35
CA GLN F 94 9.02 2.56 20.41
C GLN F 94 10.22 2.47 21.34
N LEU F 95 11.03 3.51 21.38
CA LEU F 95 12.16 3.59 22.30
C LEU F 95 11.76 4.37 23.53
N LEU F 96 11.99 3.79 24.70
CA LEU F 96 11.78 4.46 25.98
C LEU F 96 13.09 4.47 26.76
N VAL F 97 13.52 5.66 27.18
CA VAL F 97 14.83 5.87 27.81
C VAL F 97 14.61 6.20 29.28
N PHE F 98 15.37 5.54 30.16
CA PHE F 98 15.24 5.70 31.60
C PHE F 98 16.59 5.97 32.24
N GLY F 99 16.55 6.66 33.38
CA GLY F 99 17.73 6.81 34.22
C GLY F 99 17.39 6.45 35.65
N LEU F 100 18.42 6.04 36.39
CA LEU F 100 18.24 5.65 37.79
C LEU F 100 19.43 6.17 38.59
N THR F 101 19.16 6.97 39.61
CA THR F 101 20.21 7.59 40.40
C THR F 101 19.89 7.51 41.89
N ALA F 102 20.93 7.55 42.71
CA ALA F 102 20.77 7.61 44.15
C ALA F 102 20.58 9.06 44.59
N ASN F 103 19.80 9.25 45.66
CA ASN F 103 19.57 10.60 46.16
C ASN F 103 20.75 11.15 46.92
N SER F 104 21.62 10.30 47.45
CA SER F 104 22.83 10.73 48.14
C SER F 104 23.98 9.82 47.72
N ASP F 105 25.18 10.13 48.24
CA ASP F 105 26.36 9.32 47.92
C ASP F 105 26.15 7.88 48.39
N THR F 106 26.74 6.94 47.67
CA THR F 106 26.51 5.53 47.94
C THR F 106 27.48 4.94 48.95
N HIS F 107 28.28 5.77 49.63
CA HIS F 107 28.99 5.37 50.84
C HIS F 107 28.13 5.75 52.04
N LEU F 108 27.61 4.75 52.76
CA LEU F 108 26.65 4.97 53.82
C LEU F 108 27.06 4.23 55.09
N LEU F 109 26.45 4.63 56.20
CA LEU F 109 26.67 4.00 57.50
C LEU F 109 25.61 2.94 57.76
N GLN F 110 26.00 1.90 58.48
CA GLN F 110 25.11 0.75 58.67
C GLN F 110 23.81 1.16 59.34
N GLY F 111 22.74 0.48 58.97
CA GLY F 111 21.42 0.76 59.51
C GLY F 111 20.68 1.88 58.83
N GLN F 112 21.35 2.72 58.04
CA GLN F 112 20.71 3.82 57.38
C GLN F 112 19.93 3.33 56.16
N SER F 113 19.24 4.27 55.52
CA SER F 113 18.44 3.99 54.32
C SER F 113 18.95 4.82 53.16
N LEU F 114 18.76 4.29 51.95
CA LEU F 114 19.15 4.96 50.72
C LEU F 114 17.96 4.97 49.76
N THR F 115 17.73 6.12 49.15
CA THR F 115 16.63 6.30 48.21
C THR F 115 17.18 6.41 46.79
N LEU F 116 16.56 5.68 45.87
CA LEU F 116 16.87 5.75 44.45
C LEU F 116 15.67 6.35 43.73
N THR F 117 15.93 7.14 42.69
CA THR F 117 14.88 7.83 41.95
C THR F 117 14.97 7.50 40.46
N LEU F 118 13.85 7.06 39.91
CA LEU F 118 13.76 6.69 38.50
C LEU F 118 13.35 7.91 37.68
N GLU F 119 14.09 8.19 36.60
CA GLU F 119 13.75 9.25 35.66
C GLU F 119 13.16 8.62 34.40
N SER F 120 11.99 9.12 33.97
CA SER F 120 11.23 8.43 32.94
C SER F 120 10.57 9.43 32.01
N PRO F 121 10.26 9.03 30.78
CA PRO F 121 9.69 9.96 29.80
C PRO F 121 8.22 10.23 30.10
N PRO F 122 7.66 11.31 29.55
CA PRO F 122 6.30 11.72 29.93
C PRO F 122 5.27 10.63 29.65
N GLY F 123 4.41 10.37 30.63
CA GLY F 123 3.36 9.40 30.50
C GLY F 123 3.73 8.00 30.98
N SER F 124 5.01 7.64 30.94
CA SER F 124 5.42 6.30 31.35
C SER F 124 5.51 6.22 32.87
N SER F 125 5.03 5.11 33.43
CA SER F 125 4.99 4.91 34.88
C SER F 125 5.58 3.55 35.24
N PRO F 126 6.89 3.39 35.16
CA PRO F 126 7.50 2.08 35.36
C PRO F 126 7.63 1.74 36.84
N SER F 127 7.99 0.47 37.09
CA SER F 127 8.30 -0.01 38.42
C SER F 127 9.76 -0.48 38.44
N VAL F 128 10.39 -0.38 39.61
CA VAL F 128 11.77 -0.78 39.80
C VAL F 128 11.86 -1.75 40.96
N GLN F 129 12.66 -2.79 40.79
CA GLN F 129 12.93 -3.78 41.83
C GLN F 129 14.45 -3.97 41.93
N CYS F 130 14.97 -3.90 43.16
CA CYS F 130 16.42 -3.99 43.39
C CYS F 130 16.75 -5.21 44.24
N ARG F 131 17.81 -5.92 43.86
CA ARG F 131 18.21 -7.15 44.51
C ARG F 131 19.54 -6.93 45.22
N SER F 132 19.59 -7.30 46.51
CA SER F 132 20.80 -7.19 47.30
C SER F 132 21.85 -8.18 46.81
N PRO F 133 23.11 -7.97 47.18
CA PRO F 133 24.14 -8.99 46.89
C PRO F 133 23.77 -10.37 47.40
N ARG F 134 23.11 -10.46 48.55
CA ARG F 134 22.66 -11.75 49.05
C ARG F 134 21.59 -12.35 48.15
N GLY F 135 20.61 -11.53 47.74
CA GLY F 135 19.54 -12.01 46.90
C GLY F 135 18.18 -11.49 47.32
N LYS F 136 18.14 -10.66 48.36
CA LYS F 136 16.90 -10.08 48.83
C LYS F 136 16.41 -9.04 47.83
N ASN F 137 15.20 -9.24 47.31
CA ASN F 137 14.60 -8.30 46.36
C ASN F 137 13.72 -7.31 47.10
N ILE F 138 13.84 -6.02 46.72
CA ILE F 138 13.04 -4.94 47.28
C ILE F 138 12.21 -4.35 46.15
N GLN F 139 10.92 -4.20 46.38
CA GLN F 139 10.02 -3.64 45.37
C GLN F 139 9.84 -2.15 45.58
N GLY F 140 9.84 -1.40 44.48
CA GLY F 140 9.58 0.02 44.51
C GLY F 140 8.77 0.44 43.29
N GLY F 141 8.85 1.71 42.93
CA GLY F 141 8.09 2.21 41.80
C GLY F 141 8.83 3.37 41.14
N LYS F 142 8.29 4.58 41.28
CA LYS F 142 9.05 5.76 40.87
C LYS F 142 10.30 5.95 41.73
N THR F 143 10.18 5.73 43.03
CA THR F 143 11.33 5.72 43.92
C THR F 143 11.37 4.40 44.69
N LEU F 144 12.54 4.11 45.23
CA LEU F 144 12.77 2.90 46.00
C LEU F 144 13.69 3.23 47.16
N SER F 145 13.35 2.74 48.35
CA SER F 145 14.10 3.02 49.56
C SER F 145 14.77 1.72 50.03
N VAL F 146 16.08 1.65 49.87
CA VAL F 146 16.88 0.57 50.43
C VAL F 146 17.03 0.87 51.92
N SER F 147 16.20 0.25 52.74
CA SER F 147 16.13 0.55 54.16
C SER F 147 16.99 -0.40 54.99
N GLN F 148 17.31 0.05 56.21
CA GLN F 148 18.16 -0.65 57.18
C GLN F 148 19.28 -1.45 56.54
N LEU F 149 20.31 -0.75 56.08
CA LEU F 149 21.48 -1.40 55.47
C LEU F 149 22.35 -2.06 56.53
N GLN F 152 26.44 -5.68 55.86
CA GLN F 152 26.53 -6.87 55.02
C GLN F 152 25.72 -6.73 53.74
N ASP F 153 24.97 -5.63 53.62
CA ASP F 153 24.39 -5.27 52.32
C ASP F 153 25.38 -4.55 51.42
N SER F 154 26.64 -4.51 51.81
CA SER F 154 27.66 -3.83 51.02
C SER F 154 27.97 -4.63 49.76
N GLY F 155 27.97 -3.98 48.62
CA GLY F 155 28.31 -4.64 47.38
C GLY F 155 27.48 -4.10 46.23
N THR F 156 27.45 -4.88 45.15
CA THR F 156 26.74 -4.47 43.94
C THR F 156 25.28 -4.88 44.04
N TRP F 157 24.39 -3.90 43.92
CA TRP F 157 22.96 -4.14 43.81
C TRP F 157 22.55 -4.16 42.33
N THR F 158 21.57 -5.00 42.01
CA THR F 158 21.04 -5.09 40.66
C THR F 158 19.58 -4.62 40.67
N CYS F 159 19.31 -3.54 39.95
CA CYS F 159 17.99 -2.93 39.92
C CYS F 159 17.38 -3.09 38.54
N THR F 160 16.15 -3.61 38.48
CA THR F 160 15.48 -3.88 37.22
C THR F 160 14.28 -2.94 37.06
N VAL F 161 14.24 -2.24 35.93
CA VAL F 161 13.11 -1.39 35.56
C VAL F 161 12.24 -2.18 34.59
N LEU F 162 10.93 -2.22 34.86
CA LEU F 162 9.97 -2.96 34.06
C LEU F 162 9.03 -2.00 33.37
N GLN F 163 8.85 -2.17 32.06
CA GLN F 163 7.97 -1.32 31.27
C GLN F 163 7.58 -2.07 30.00
N ASN F 164 6.28 -2.21 29.77
CA ASN F 164 5.75 -2.86 28.56
C ASN F 164 6.30 -4.28 28.38
N GLN F 165 6.37 -5.02 29.49
CA GLN F 165 6.88 -6.40 29.57
C GLN F 165 8.38 -6.51 29.26
N LYS F 166 9.06 -5.41 28.95
CA LYS F 166 10.50 -5.43 28.74
C LYS F 166 11.20 -4.88 29.98
N LYS F 167 12.47 -5.28 30.15
CA LYS F 167 13.23 -4.94 31.34
C LYS F 167 14.57 -4.35 30.97
N VAL F 168 15.07 -3.47 31.83
CA VAL F 168 16.41 -2.91 31.70
C VAL F 168 17.04 -2.88 33.08
N GLU F 169 18.36 -3.07 33.12
CA GLU F 169 19.08 -3.37 34.35
C GLU F 169 20.08 -2.28 34.66
N PHE F 170 20.09 -1.84 35.92
CA PHE F 170 21.07 -0.86 36.42
C PHE F 170 21.84 -1.51 37.56
N LYS F 171 23.17 -1.45 37.50
CA LYS F 171 24.03 -1.95 38.57
C LYS F 171 24.45 -0.77 39.44
N ILE F 172 24.35 -0.92 40.76
CA ILE F 172 24.66 0.16 41.68
C ILE F 172 25.48 -0.40 42.84
N ASP F 173 26.66 0.18 43.06
CA ASP F 173 27.55 -0.24 44.13
C ASP F 173 27.26 0.54 45.41
N ILE F 174 27.01 -0.18 46.49
CA ILE F 174 26.68 0.41 47.78
C ILE F 174 27.72 -0.05 48.79
N VAL F 175 28.38 0.89 49.47
CA VAL F 175 29.35 0.58 50.51
C VAL F 175 28.70 0.88 51.85
N VAL F 176 28.54 -0.15 52.69
CA VAL F 176 28.01 0.00 54.03
C VAL F 176 29.17 -0.06 55.02
N LEU F 177 29.32 0.98 55.83
CA LEU F 177 30.42 1.07 56.79
C LEU F 177 30.00 0.67 58.21
#